data_4Y7O
#
_entry.id   4Y7O
#
_cell.length_a   85.470
_cell.length_b   85.470
_cell.length_c   256.370
_cell.angle_alpha   90.00
_cell.angle_beta   90.00
_cell.angle_gamma   90.00
#
_symmetry.space_group_name_H-M   'P 41 21 2'
#
loop_
_entity.id
_entity.type
_entity.pdbx_description
1 polymer 'Type VI secretion protein IcmF'
2 polymer 'Type VI secretion system protein VasD'
3 non-polymer 'ZINC ION'
4 water water
#
loop_
_entity_poly.entity_id
_entity_poly.type
_entity_poly.pdbx_seq_one_letter_code
_entity_poly.pdbx_strand_id
1 'polypeptide(L)'
;LTPAAESLNARWRTAVVDGWNNAFSGRYPFKNVSSDASLPLLAKYLNTDTGRIARFLQNNLSGVLHREGSRWVPDTINTR
GLTFNPAFLKAINTLSEIADVAFTTGNAGLHFELRPGTAAGVMQTTLITDNQKLIYVNQMPVWKRFTWPADTEAPGASLS
WVSTQAGTRQYADLPGSWGLIRLLEMARRKAAPGVASGWSLSWQAQDGRMLNYTLRTEAGEGPLVLLKLRNFVLPETVFE
;
A,B
2 'polypeptide(L)'
;GGLTQRVADGTVSATKSLFYRQIKTLHLDIRAREAINTSAAGIPLSVVVRIYQLKDNRSFDSADYQALFTGDNEILAGDI
IAQKDVWLQPGGSVAVDMPLDDAAKFTGVAAMFLEPDQKKNTWRVVLGRDELEPDTPRLIEVSGNTLTLLPVKDK
;
C,D
#
loop_
_chem_comp.id
_chem_comp.type
_chem_comp.name
_chem_comp.formula
ZN non-polymer 'ZINC ION' 'Zn 2'
#
# COMPACT_ATOMS: atom_id res chain seq x y z
N THR A 2 -16.92 15.43 -39.79
CA THR A 2 -16.11 14.21 -39.81
C THR A 2 -14.79 14.37 -40.60
N PRO A 3 -14.52 15.26 -41.61
CA PRO A 3 -13.15 15.32 -42.17
C PRO A 3 -12.05 15.56 -41.10
N ALA A 4 -12.30 16.46 -40.12
CA ALA A 4 -11.38 16.73 -39.02
C ALA A 4 -11.28 15.49 -38.09
N ALA A 5 -12.42 14.81 -37.88
CA ALA A 5 -12.56 13.62 -37.05
C ALA A 5 -11.83 12.41 -37.67
N GLU A 6 -11.89 12.26 -39.01
CA GLU A 6 -11.23 11.19 -39.76
C GLU A 6 -9.73 11.39 -39.82
N SER A 7 -9.29 12.65 -39.86
CA SER A 7 -7.86 12.94 -39.86
C SER A 7 -7.31 12.68 -38.42
N LEU A 8 -8.15 12.88 -37.38
CA LEU A 8 -7.82 12.58 -35.98
C LEU A 8 -7.73 11.07 -35.79
N ASN A 9 -8.66 10.26 -36.40
CA ASN A 9 -8.58 8.78 -36.37
C ASN A 9 -7.24 8.29 -36.96
N ALA A 10 -6.79 8.95 -38.03
CA ALA A 10 -5.51 8.67 -38.70
C ALA A 10 -4.32 9.09 -37.82
N ARG A 11 -4.42 10.24 -37.13
CA ARG A 11 -3.39 10.72 -36.20
C ARG A 11 -3.26 9.71 -35.03
N TRP A 12 -4.41 9.20 -34.54
CA TRP A 12 -4.53 8.23 -33.46
C TRP A 12 -3.79 6.93 -33.81
N ARG A 13 -3.97 6.44 -35.04
CA ARG A 13 -3.28 5.20 -35.37
C ARG A 13 -1.77 5.44 -35.63
N THR A 14 -1.39 6.56 -36.27
CA THR A 14 0.03 6.89 -36.52
C THR A 14 0.80 7.20 -35.24
N ALA A 15 0.22 7.98 -34.34
CA ALA A 15 0.86 8.37 -33.09
C ALA A 15 0.77 7.32 -31.97
N VAL A 16 -0.29 6.48 -31.96
CA VAL A 16 -0.47 5.54 -30.86
C VAL A 16 -0.63 4.06 -31.29
N VAL A 17 -1.70 3.70 -32.03
CA VAL A 17 -2.10 2.31 -32.33
C VAL A 17 -1.06 1.51 -33.12
N ASP A 18 -0.46 2.10 -34.18
CA ASP A 18 0.55 1.38 -34.95
C ASP A 18 1.70 0.89 -34.05
N GLY A 19 2.17 1.78 -33.18
CA GLY A 19 3.25 1.49 -32.23
C GLY A 19 2.83 0.50 -31.16
N TRP A 20 1.59 0.64 -30.63
CA TRP A 20 1.04 -0.24 -29.61
C TRP A 20 1.01 -1.69 -30.13
N ASN A 21 0.48 -1.87 -31.33
CA ASN A 21 0.35 -3.17 -32.00
C ASN A 21 1.68 -3.85 -32.27
N ASN A 22 2.65 -3.10 -32.78
CA ASN A 22 3.98 -3.61 -33.07
C ASN A 22 4.65 -4.10 -31.77
N ALA A 23 4.54 -3.30 -30.72
CA ALA A 23 5.13 -3.57 -29.42
C ALA A 23 4.48 -4.72 -28.66
N PHE A 24 3.15 -4.88 -28.73
CA PHE A 24 2.46 -5.82 -27.83
C PHE A 24 1.73 -7.00 -28.44
N SER A 25 1.49 -7.02 -29.75
CA SER A 25 0.77 -8.13 -30.38
C SER A 25 1.58 -9.43 -30.25
N GLY A 26 0.85 -10.52 -29.97
CA GLY A 26 1.43 -11.85 -29.79
C GLY A 26 2.29 -11.99 -28.56
N ARG A 27 2.09 -11.13 -27.54
CA ARG A 27 2.90 -11.20 -26.33
C ARG A 27 2.04 -11.34 -25.10
N TYR A 28 2.58 -11.95 -24.05
CA TYR A 28 1.88 -12.08 -22.78
C TYR A 28 1.84 -10.68 -22.12
N PRO A 29 0.73 -10.19 -21.52
CA PRO A 29 -0.54 -10.85 -21.21
C PRO A 29 -1.61 -10.78 -22.30
N PHE A 30 -1.33 -10.10 -23.43
CA PHE A 30 -2.29 -9.92 -24.52
C PHE A 30 -2.74 -11.26 -25.10
N LYS A 31 -1.78 -12.20 -25.21
CA LYS A 31 -1.97 -13.57 -25.65
C LYS A 31 -1.30 -14.48 -24.64
N ASN A 32 -1.84 -15.69 -24.41
CA ASN A 32 -1.21 -16.64 -23.48
C ASN A 32 -0.09 -17.37 -24.22
N VAL A 33 1.06 -16.69 -24.33
CA VAL A 33 2.25 -17.17 -25.02
C VAL A 33 3.50 -16.98 -24.12
N SER A 34 4.63 -17.54 -24.54
CA SER A 34 5.93 -17.49 -23.86
C SER A 34 6.57 -16.12 -23.95
N SER A 35 6.34 -15.42 -25.05
CA SER A 35 6.91 -14.11 -25.30
C SER A 35 6.26 -13.07 -24.38
N ASP A 36 7.06 -12.20 -23.79
CA ASP A 36 6.62 -11.22 -22.82
C ASP A 36 6.54 -9.81 -23.37
N ALA A 37 5.48 -9.05 -22.98
CA ALA A 37 5.37 -7.65 -23.32
C ALA A 37 6.39 -6.92 -22.44
N SER A 38 6.98 -5.86 -22.99
CA SER A 38 7.95 -5.10 -22.23
C SER A 38 7.21 -4.18 -21.25
N LEU A 39 7.46 -4.35 -19.92
CA LEU A 39 6.87 -3.53 -18.87
C LEU A 39 7.31 -2.06 -19.00
N PRO A 40 8.62 -1.74 -19.27
CA PRO A 40 9.00 -0.31 -19.45
C PRO A 40 8.31 0.31 -20.66
N LEU A 41 8.12 -0.46 -21.72
CA LEU A 41 7.42 0.04 -22.93
C LEU A 41 5.91 0.21 -22.68
N LEU A 42 5.30 -0.69 -21.91
CA LEU A 42 3.88 -0.59 -21.55
C LEU A 42 3.65 0.69 -20.74
N ALA A 43 4.59 1.02 -19.81
CA ALA A 43 4.59 2.22 -18.99
C ALA A 43 4.62 3.46 -19.91
N LYS A 44 5.48 3.45 -20.96
CA LYS A 44 5.55 4.57 -21.93
C LYS A 44 4.20 4.85 -22.61
N TYR A 45 3.37 3.82 -22.77
CA TYR A 45 2.06 3.96 -23.37
C TYR A 45 0.98 4.34 -22.39
N LEU A 46 0.93 3.68 -21.22
CA LEU A 46 -0.21 3.96 -20.34
C LEU A 46 0.10 4.81 -19.09
N ASN A 47 1.27 5.46 -18.96
CA ASN A 47 1.49 6.41 -17.87
C ASN A 47 0.38 7.46 -17.92
N THR A 48 -0.30 7.63 -16.78
CA THR A 48 -1.50 8.45 -16.59
C THR A 48 -1.38 9.87 -17.14
N ASP A 49 -0.22 10.48 -16.99
CA ASP A 49 0.01 11.85 -17.37
C ASP A 49 0.95 12.02 -18.55
N THR A 50 2.07 11.28 -18.58
CA THR A 50 3.10 11.44 -19.62
C THR A 50 3.08 10.33 -20.66
N GLY A 51 2.24 9.32 -20.48
CA GLY A 51 2.14 8.21 -21.42
C GLY A 51 1.72 8.69 -22.79
N ARG A 52 2.07 7.91 -23.83
CA ARG A 52 1.73 8.23 -25.22
C ARG A 52 0.21 8.38 -25.43
N ILE A 53 -0.61 7.51 -24.80
CA ILE A 53 -2.07 7.59 -24.92
C ILE A 53 -2.60 8.86 -24.25
N ALA A 54 -2.17 9.15 -23.00
CA ALA A 54 -2.60 10.33 -22.23
C ALA A 54 -2.26 11.62 -22.96
N ARG A 55 -1.07 11.68 -23.61
CA ARG A 55 -0.61 12.83 -24.38
C ARG A 55 -1.49 13.04 -25.60
N PHE A 56 -1.82 11.97 -26.35
CA PHE A 56 -2.71 12.10 -27.51
C PHE A 56 -4.09 12.62 -27.07
N LEU A 57 -4.66 12.08 -25.99
CA LEU A 57 -5.97 12.52 -25.47
C LEU A 57 -5.94 14.02 -25.07
N GLN A 58 -4.90 14.47 -24.32
CA GLN A 58 -4.70 15.86 -23.87
C GLN A 58 -4.52 16.82 -25.08
N ASN A 59 -3.70 16.42 -26.07
CA ASN A 59 -3.37 17.21 -27.26
C ASN A 59 -4.44 17.27 -28.32
N ASN A 60 -5.23 16.21 -28.50
CA ASN A 60 -6.20 16.18 -29.59
C ASN A 60 -7.65 16.16 -29.17
N LEU A 61 -7.96 15.74 -27.94
CA LEU A 61 -9.34 15.57 -27.50
C LEU A 61 -9.75 16.38 -26.27
N SER A 62 -8.97 17.40 -25.87
CA SER A 62 -9.26 18.19 -24.65
C SER A 62 -10.70 18.75 -24.57
N GLY A 63 -11.26 19.10 -25.73
CA GLY A 63 -12.61 19.64 -25.82
C GLY A 63 -13.73 18.66 -25.54
N VAL A 64 -13.78 17.59 -26.32
CA VAL A 64 -14.83 16.57 -26.28
C VAL A 64 -14.62 15.45 -25.25
N LEU A 65 -13.42 15.32 -24.71
CA LEU A 65 -13.13 14.25 -23.76
C LEU A 65 -12.45 14.83 -22.54
N HIS A 66 -13.06 14.65 -21.36
CA HIS A 66 -12.53 15.18 -20.10
C HIS A 66 -12.06 14.13 -19.11
N ARG A 67 -11.00 14.46 -18.35
CA ARG A 67 -10.53 13.61 -17.26
C ARG A 67 -11.42 13.89 -16.07
N GLU A 68 -12.00 12.82 -15.50
CA GLU A 68 -12.88 12.91 -14.33
C GLU A 68 -12.30 11.95 -13.30
N GLY A 69 -11.36 12.46 -12.52
CA GLY A 69 -10.63 11.67 -11.53
C GLY A 69 -9.54 10.91 -12.27
N SER A 70 -9.66 9.57 -12.34
CA SER A 70 -8.73 8.70 -13.08
C SER A 70 -9.52 8.00 -14.22
N ARG A 71 -10.55 8.68 -14.73
CA ARG A 71 -11.46 8.23 -15.77
C ARG A 71 -11.48 9.21 -16.95
N TRP A 72 -11.91 8.73 -18.13
CA TRP A 72 -12.05 9.56 -19.31
C TRP A 72 -13.50 9.56 -19.66
N VAL A 73 -14.10 10.74 -19.63
CA VAL A 73 -15.54 10.91 -19.82
C VAL A 73 -15.85 11.84 -21.01
N PRO A 74 -16.72 11.42 -21.96
CA PRO A 74 -17.05 12.33 -23.08
C PRO A 74 -17.87 13.53 -22.63
N ASP A 75 -17.80 14.61 -23.40
CA ASP A 75 -18.60 15.79 -23.18
C ASP A 75 -19.96 15.52 -23.80
N THR A 76 -21.03 15.57 -22.98
CA THR A 76 -22.42 15.32 -23.37
C THR A 76 -23.01 16.53 -24.12
N ILE A 77 -22.45 17.72 -23.85
CA ILE A 77 -22.82 19.01 -24.39
C ILE A 77 -21.69 19.46 -25.32
N ASN A 78 -22.01 19.87 -26.54
CA ASN A 78 -21.04 20.26 -27.56
C ASN A 78 -20.03 19.13 -27.81
N THR A 79 -20.61 18.14 -28.46
CA THR A 79 -20.11 17.00 -29.19
C THR A 79 -19.87 17.79 -30.50
N ARG A 80 -18.76 17.63 -31.21
CA ARG A 80 -18.52 18.54 -32.33
C ARG A 80 -19.07 18.17 -33.78
N GLY A 81 -20.26 17.59 -33.99
CA GLY A 81 -21.16 16.75 -33.20
C GLY A 81 -20.73 15.38 -33.66
N LEU A 82 -19.68 14.89 -33.01
CA LEU A 82 -19.02 13.63 -33.31
C LEU A 82 -19.56 12.56 -32.40
N THR A 83 -19.43 11.31 -32.82
CA THR A 83 -19.87 10.15 -32.07
C THR A 83 -18.62 9.32 -31.81
N PHE A 84 -18.29 9.11 -30.53
CA PHE A 84 -17.15 8.29 -30.16
C PHE A 84 -17.45 6.85 -30.53
N ASN A 85 -16.41 6.12 -30.91
CA ASN A 85 -16.50 4.69 -31.15
C ASN A 85 -16.63 4.11 -29.70
N PRO A 86 -17.74 3.42 -29.35
CA PRO A 86 -17.87 2.91 -27.95
C PRO A 86 -16.73 2.02 -27.49
N ALA A 87 -16.09 1.28 -28.42
CA ALA A 87 -14.95 0.40 -28.13
C ALA A 87 -13.73 1.23 -27.69
N PHE A 88 -13.64 2.49 -28.14
CA PHE A 88 -12.55 3.39 -27.79
C PHE A 88 -12.68 3.87 -26.37
N LEU A 89 -13.91 4.25 -25.95
CA LEU A 89 -14.14 4.70 -24.58
C LEU A 89 -13.92 3.58 -23.59
N LYS A 90 -14.40 2.37 -23.95
CA LYS A 90 -14.22 1.18 -23.13
C LYS A 90 -12.72 0.86 -23.01
N ALA A 91 -11.97 0.92 -24.13
CA ALA A 91 -10.53 0.66 -24.13
C ALA A 91 -9.74 1.62 -23.25
N ILE A 92 -9.97 2.95 -23.39
CA ILE A 92 -9.22 3.93 -22.57
C ILE A 92 -9.60 3.83 -21.10
N ASN A 93 -10.85 3.47 -20.77
CA ASN A 93 -11.30 3.26 -19.40
C ASN A 93 -10.61 2.06 -18.77
N THR A 94 -10.44 0.97 -19.53
CA THR A 94 -9.75 -0.24 -19.06
C THR A 94 -8.29 0.10 -18.79
N LEU A 95 -7.64 0.80 -19.74
CA LEU A 95 -6.23 1.18 -19.60
C LEU A 95 -6.00 2.13 -18.45
N SER A 96 -6.93 3.10 -18.25
CA SER A 96 -6.85 4.03 -17.12
C SER A 96 -6.90 3.29 -15.81
N GLU A 97 -7.76 2.25 -15.70
CA GLU A 97 -7.88 1.45 -14.49
C GLU A 97 -6.57 0.68 -14.25
N ILE A 98 -5.95 0.14 -15.32
CA ILE A 98 -4.67 -0.55 -15.19
C ILE A 98 -3.60 0.40 -14.69
N ALA A 99 -3.48 1.57 -15.35
CA ALA A 99 -2.48 2.60 -15.00
C ALA A 99 -2.62 3.05 -13.54
N ASP A 100 -3.86 3.26 -13.10
CA ASP A 100 -4.23 3.68 -11.74
C ASP A 100 -3.79 2.69 -10.67
N VAL A 101 -3.76 1.40 -11.01
CA VAL A 101 -3.37 0.36 -10.07
C VAL A 101 -1.87 0.01 -10.20
N ALA A 102 -1.36 -0.10 -11.43
CA ALA A 102 -0.03 -0.65 -11.63
C ALA A 102 1.04 0.28 -12.17
N PHE A 103 0.71 1.51 -12.56
CA PHE A 103 1.71 2.43 -13.11
C PHE A 103 1.72 3.83 -12.45
N THR A 104 1.36 3.93 -11.18
CA THR A 104 1.28 5.21 -10.46
C THR A 104 2.60 5.98 -10.33
N THR A 105 3.74 5.27 -10.22
CA THR A 105 5.07 5.88 -10.05
C THR A 105 5.74 6.35 -11.36
N GLY A 106 5.13 6.05 -12.51
CA GLY A 106 5.72 6.37 -13.80
C GLY A 106 6.42 5.17 -14.41
N ASN A 107 6.46 4.07 -13.66
CA ASN A 107 7.02 2.78 -14.03
C ASN A 107 6.05 1.75 -13.46
N ALA A 108 6.18 0.50 -13.90
CA ALA A 108 5.37 -0.59 -13.40
C ALA A 108 5.71 -0.80 -11.92
N GLY A 109 4.71 -0.99 -11.08
CA GLY A 109 4.99 -1.22 -9.66
C GLY A 109 3.75 -1.06 -8.82
N LEU A 110 3.43 -2.11 -8.03
CA LEU A 110 2.32 -2.21 -7.09
C LEU A 110 2.76 -3.05 -5.88
N HIS A 111 1.97 -2.99 -4.80
CA HIS A 111 2.18 -3.77 -3.58
C HIS A 111 0.88 -4.50 -3.27
N PHE A 112 0.98 -5.70 -2.72
CA PHE A 112 -0.20 -6.47 -2.34
C PHE A 112 0.20 -7.33 -1.19
N GLU A 113 -0.77 -7.95 -0.55
CA GLU A 113 -0.46 -8.84 0.56
C GLU A 113 -1.07 -10.20 0.31
N LEU A 114 -0.41 -11.23 0.82
CA LEU A 114 -0.93 -12.61 0.75
C LEU A 114 -0.98 -13.22 2.14
N ARG A 115 -2.12 -13.89 2.46
CA ARG A 115 -2.29 -14.61 3.74
C ARG A 115 -2.48 -16.09 3.37
N PRO A 116 -1.59 -17.00 3.80
CA PRO A 116 -1.77 -18.41 3.44
C PRO A 116 -2.93 -19.11 4.14
N GLY A 117 -3.64 -19.91 3.37
CA GLY A 117 -4.75 -20.73 3.81
C GLY A 117 -4.29 -22.17 4.05
N THR A 118 -5.23 -23.05 4.32
CA THR A 118 -4.94 -24.46 4.60
C THR A 118 -5.81 -25.35 3.73
N ALA A 119 -5.43 -26.64 3.64
CA ALA A 119 -6.15 -27.66 2.89
C ALA A 119 -5.72 -29.03 3.34
N ALA A 120 -6.64 -30.01 3.21
CA ALA A 120 -6.39 -31.41 3.52
C ALA A 120 -5.25 -31.94 2.63
N GLY A 121 -4.33 -32.66 3.26
CA GLY A 121 -3.19 -33.27 2.60
C GLY A 121 -2.03 -32.35 2.29
N VAL A 122 -2.11 -31.08 2.73
CA VAL A 122 -1.04 -30.13 2.50
C VAL A 122 -0.30 -29.86 3.80
N MET A 123 1.03 -30.11 3.79
CA MET A 123 1.90 -29.86 4.94
C MET A 123 2.61 -28.52 4.85
N GLN A 124 2.98 -28.13 3.61
CA GLN A 124 3.72 -26.92 3.37
C GLN A 124 3.42 -26.36 1.97
N THR A 125 3.45 -25.02 1.83
CA THR A 125 3.35 -24.31 0.56
C THR A 125 4.52 -23.34 0.52
N THR A 126 5.14 -23.17 -0.65
CA THR A 126 6.23 -22.23 -0.85
C THR A 126 5.94 -21.45 -2.09
N LEU A 127 5.57 -20.17 -1.91
CA LEU A 127 5.26 -19.28 -3.00
C LEU A 127 6.41 -18.30 -3.14
N ILE A 128 6.97 -18.18 -4.35
CA ILE A 128 8.04 -17.25 -4.62
C ILE A 128 7.72 -16.35 -5.79
N THR A 129 7.90 -15.03 -5.63
CA THR A 129 7.74 -14.09 -6.73
C THR A 129 8.85 -13.08 -6.68
N ASP A 130 9.65 -12.99 -7.75
CA ASP A 130 10.79 -12.09 -7.90
C ASP A 130 11.65 -12.06 -6.62
N ASN A 131 12.02 -13.26 -6.16
CA ASN A 131 12.86 -13.52 -4.99
C ASN A 131 12.20 -13.21 -3.63
N GLN A 132 10.87 -13.11 -3.58
CA GLN A 132 10.16 -12.89 -2.30
C GLN A 132 9.51 -14.20 -1.99
N LYS A 133 9.83 -14.78 -0.85
CA LYS A 133 9.37 -16.12 -0.49
C LYS A 133 8.41 -16.13 0.66
N LEU A 134 7.34 -16.91 0.53
CA LEU A 134 6.36 -17.10 1.59
C LEU A 134 6.23 -18.62 1.79
N ILE A 135 6.71 -19.10 2.94
CA ILE A 135 6.68 -20.50 3.35
C ILE A 135 5.63 -20.63 4.43
N TYR A 136 4.71 -21.57 4.28
CA TYR A 136 3.67 -21.77 5.27
C TYR A 136 3.57 -23.24 5.67
N VAL A 137 3.50 -23.49 7.00
CA VAL A 137 3.47 -24.86 7.54
C VAL A 137 2.27 -25.08 8.50
N ASN A 138 1.13 -24.46 8.19
CA ASN A 138 -0.15 -24.57 8.93
C ASN A 138 -0.14 -23.95 10.35
N GLN A 139 0.72 -22.95 10.58
CA GLN A 139 0.81 -22.20 11.85
C GLN A 139 -0.18 -21.00 11.80
N MET A 140 -0.15 -20.07 12.81
CA MET A 140 -1.01 -18.89 12.77
C MET A 140 -0.72 -18.10 11.48
N PRO A 141 -1.74 -17.87 10.65
CA PRO A 141 -1.50 -17.16 9.39
C PRO A 141 -1.20 -15.66 9.51
N VAL A 142 -0.11 -15.21 8.90
CA VAL A 142 0.28 -13.80 8.88
C VAL A 142 0.24 -13.25 7.44
N TRP A 143 -0.15 -11.98 7.29
CA TRP A 143 -0.16 -11.31 5.99
C TRP A 143 1.26 -11.00 5.64
N LYS A 144 1.69 -11.38 4.43
CA LYS A 144 3.01 -11.04 3.96
C LYS A 144 2.81 -10.06 2.81
N ARG A 145 3.60 -9.02 2.82
CA ARG A 145 3.58 -7.95 1.84
C ARG A 145 4.56 -8.30 0.72
N PHE A 146 4.11 -8.08 -0.51
CA PHE A 146 4.87 -8.31 -1.73
C PHE A 146 4.85 -7.09 -2.61
N THR A 147 5.86 -6.99 -3.47
CA THR A 147 6.00 -5.96 -4.49
C THR A 147 6.05 -6.67 -5.85
N TRP A 148 5.45 -6.05 -6.85
CA TRP A 148 5.50 -6.50 -8.25
C TRP A 148 5.59 -5.32 -9.19
N PRO A 149 6.57 -5.29 -10.12
CA PRO A 149 7.73 -6.18 -10.23
C PRO A 149 8.68 -5.86 -9.06
N ALA A 150 9.45 -6.82 -8.57
CA ALA A 150 10.44 -6.48 -7.51
C ALA A 150 11.80 -6.53 -8.19
N ASP A 151 12.77 -5.82 -7.63
CA ASP A 151 14.10 -5.76 -8.19
C ASP A 151 14.82 -7.12 -8.07
N THR A 152 15.28 -7.65 -9.22
CA THR A 152 15.98 -8.93 -9.38
C THR A 152 16.52 -9.09 -10.82
N GLU A 153 17.61 -9.87 -10.96
CA GLU A 153 18.22 -10.18 -12.26
C GLU A 153 17.46 -11.34 -12.93
N ALA A 154 16.82 -12.20 -12.11
CA ALA A 154 16.04 -13.35 -12.59
C ALA A 154 14.56 -13.25 -12.16
N PRO A 155 13.75 -12.39 -12.81
CA PRO A 155 12.32 -12.32 -12.45
C PRO A 155 11.56 -13.61 -12.77
N GLY A 156 10.52 -13.85 -12.01
CA GLY A 156 9.68 -15.03 -12.16
C GLY A 156 8.88 -15.36 -10.92
N ALA A 157 8.01 -16.34 -11.03
CA ALA A 157 7.22 -16.80 -9.89
C ALA A 157 7.19 -18.31 -9.89
N SER A 158 7.02 -18.91 -8.73
CA SER A 158 6.94 -20.37 -8.61
C SER A 158 6.10 -20.72 -7.43
N LEU A 159 5.59 -21.94 -7.43
CA LEU A 159 4.79 -22.43 -6.33
C LEU A 159 5.02 -23.91 -6.20
N SER A 160 5.48 -24.31 -5.01
CA SER A 160 5.73 -25.70 -4.66
C SER A 160 4.97 -26.03 -3.37
N TRP A 161 4.87 -27.31 -3.03
CA TRP A 161 4.09 -27.78 -1.89
C TRP A 161 4.56 -29.13 -1.41
N VAL A 162 4.28 -29.42 -0.13
CA VAL A 162 4.65 -30.68 0.48
C VAL A 162 3.37 -31.42 0.85
N SER A 163 3.30 -32.68 0.41
CA SER A 163 2.17 -33.59 0.58
C SER A 163 2.38 -34.52 1.75
N THR A 164 1.25 -34.93 2.36
CA THR A 164 1.23 -35.91 3.44
C THR A 164 1.79 -37.27 2.95
N GLN A 165 1.54 -37.64 1.66
CA GLN A 165 1.97 -38.87 1.00
C GLN A 165 3.25 -38.70 0.17
N ALA A 166 3.25 -37.87 -0.90
CA ALA A 166 4.42 -37.62 -1.72
C ALA A 166 5.28 -36.54 -1.06
N GLY A 167 6.49 -36.30 -1.52
CA GLY A 167 7.30 -35.28 -0.84
C GLY A 167 6.99 -33.88 -1.33
N THR A 168 8.03 -33.15 -1.71
CA THR A 168 7.89 -31.82 -2.24
C THR A 168 7.59 -31.94 -3.74
N ARG A 169 6.57 -31.22 -4.19
CA ARG A 169 6.09 -31.22 -5.57
C ARG A 169 6.06 -29.80 -6.07
N GLN A 170 6.21 -29.65 -7.37
CA GLN A 170 6.14 -28.38 -8.06
C GLN A 170 4.68 -28.21 -8.51
N TYR A 171 4.12 -27.04 -8.28
CA TYR A 171 2.82 -26.77 -8.84
C TYR A 171 3.08 -26.13 -10.23
N ALA A 172 3.95 -25.11 -10.29
CA ALA A 172 4.31 -24.39 -11.53
C ALA A 172 5.54 -23.55 -11.28
N ASP A 173 6.27 -23.23 -12.33
CA ASP A 173 7.47 -22.40 -12.34
C ASP A 173 7.33 -21.52 -13.55
N LEU A 174 7.10 -20.22 -13.33
CA LEU A 174 6.84 -19.26 -14.39
C LEU A 174 7.89 -18.15 -14.48
N PRO A 175 8.88 -18.30 -15.40
CA PRO A 175 9.93 -17.26 -15.50
C PRO A 175 9.49 -15.98 -16.21
N GLY A 176 10.28 -14.94 -16.02
CA GLY A 176 10.03 -13.65 -16.66
C GLY A 176 9.33 -12.67 -15.77
N SER A 177 9.33 -11.44 -16.23
CA SER A 177 8.78 -10.28 -15.54
C SER A 177 7.27 -10.40 -15.28
N TRP A 178 6.55 -11.24 -16.06
CA TRP A 178 5.12 -11.48 -15.92
C TRP A 178 4.83 -12.73 -15.08
N GLY A 179 5.86 -13.38 -14.53
CA GLY A 179 5.74 -14.59 -13.71
C GLY A 179 4.57 -14.63 -12.73
N LEU A 180 4.44 -13.57 -11.93
CA LEU A 180 3.37 -13.47 -10.95
C LEU A 180 1.99 -13.42 -11.59
N ILE A 181 1.86 -12.66 -12.68
CA ILE A 181 0.58 -12.53 -13.38
C ILE A 181 0.16 -13.88 -13.96
N ARG A 182 1.11 -14.60 -14.58
CA ARG A 182 0.90 -15.94 -15.14
C ARG A 182 0.44 -16.90 -14.07
N LEU A 183 1.09 -16.86 -12.88
CA LEU A 183 0.71 -17.69 -11.75
C LEU A 183 -0.74 -17.38 -11.30
N LEU A 184 -1.06 -16.08 -11.11
CA LEU A 184 -2.39 -15.65 -10.65
C LEU A 184 -3.48 -16.03 -11.59
N GLU A 185 -3.20 -16.00 -12.90
CA GLU A 185 -4.13 -16.40 -13.94
C GLU A 185 -4.55 -17.86 -13.79
N MET A 186 -3.64 -18.72 -13.27
CA MET A 186 -3.89 -20.16 -13.07
C MET A 186 -4.73 -20.46 -11.82
N ALA A 187 -4.83 -19.50 -10.91
CA ALA A 187 -5.62 -19.69 -9.69
C ALA A 187 -7.14 -19.64 -9.95
N ARG A 188 -7.92 -20.32 -9.12
CA ARG A 188 -9.36 -20.20 -9.12
C ARG A 188 -9.56 -19.01 -8.15
N ARG A 189 -10.18 -17.95 -8.65
CA ARG A 189 -10.33 -16.70 -7.89
C ARG A 189 -11.76 -16.30 -7.68
N LYS A 190 -12.06 -15.81 -6.48
CA LYS A 190 -13.37 -15.28 -6.13
C LYS A 190 -13.20 -14.17 -5.10
N ALA A 191 -13.96 -13.07 -5.30
CA ALA A 191 -13.97 -11.88 -4.47
C ALA A 191 -14.51 -12.28 -3.11
N ALA A 192 -13.68 -12.14 -2.06
CA ALA A 192 -14.04 -12.49 -0.69
C ALA A 192 -14.70 -11.24 -0.08
N PRO A 193 -16.04 -11.28 0.20
CA PRO A 193 -16.72 -10.05 0.69
C PRO A 193 -16.48 -9.66 2.16
N GLY A 194 -15.74 -10.49 2.90
CA GLY A 194 -15.44 -10.22 4.31
C GLY A 194 -14.06 -9.64 4.58
N VAL A 195 -13.26 -9.54 3.51
CA VAL A 195 -11.92 -8.95 3.52
C VAL A 195 -11.87 -7.88 2.41
N ALA A 196 -11.30 -6.71 2.73
CA ALA A 196 -11.19 -5.61 1.77
C ALA A 196 -9.72 -5.29 1.50
N SER A 197 -9.27 -5.23 0.24
CA SER A 197 -9.99 -5.56 -1.00
C SER A 197 -9.48 -6.98 -1.24
N GLY A 198 -10.27 -7.96 -0.80
CA GLY A 198 -9.88 -9.35 -0.79
C GLY A 198 -10.44 -10.30 -1.81
N TRP A 199 -9.58 -11.22 -2.24
CA TRP A 199 -9.90 -12.31 -3.14
C TRP A 199 -9.34 -13.57 -2.51
N SER A 200 -10.11 -14.63 -2.57
CA SER A 200 -9.61 -15.93 -2.13
C SER A 200 -8.95 -16.52 -3.38
N LEU A 201 -7.73 -17.04 -3.24
CA LEU A 201 -6.98 -17.67 -4.35
C LEU A 201 -6.78 -19.13 -4.05
N SER A 202 -6.94 -19.96 -5.06
CA SER A 202 -6.81 -21.39 -4.90
C SER A 202 -6.19 -22.02 -6.13
N TRP A 203 -4.98 -22.55 -5.98
CA TRP A 203 -4.32 -23.29 -7.04
C TRP A 203 -4.58 -24.78 -6.86
N GLN A 204 -5.07 -25.44 -7.91
CA GLN A 204 -5.36 -26.87 -7.83
C GLN A 204 -4.12 -27.65 -8.16
N ALA A 205 -3.49 -28.19 -7.12
CA ALA A 205 -2.28 -28.98 -7.25
C ALA A 205 -2.65 -30.42 -7.64
N GLN A 206 -1.65 -31.28 -7.75
CA GLN A 206 -1.92 -32.66 -8.13
C GLN A 206 -2.61 -33.42 -6.98
N ASP A 207 -3.34 -34.49 -7.34
CA ASP A 207 -4.06 -35.40 -6.41
C ASP A 207 -5.20 -34.71 -5.64
N GLY A 208 -5.81 -33.72 -6.27
CA GLY A 208 -6.93 -32.94 -5.74
C GLY A 208 -6.58 -32.00 -4.62
N ARG A 209 -5.28 -31.75 -4.38
CA ARG A 209 -4.81 -30.86 -3.33
C ARG A 209 -4.95 -29.38 -3.70
N MET A 210 -5.43 -28.56 -2.76
CA MET A 210 -5.64 -27.13 -2.96
C MET A 210 -4.57 -26.30 -2.26
N LEU A 211 -3.98 -25.34 -2.97
CA LEU A 211 -2.97 -24.43 -2.41
C LEU A 211 -3.67 -23.10 -2.28
N ASN A 212 -4.11 -22.79 -1.05
CA ASN A 212 -4.97 -21.67 -0.75
C ASN A 212 -4.31 -20.48 -0.15
N TYR A 213 -4.75 -19.29 -0.60
CA TYR A 213 -4.27 -18.00 -0.10
C TYR A 213 -5.36 -16.98 -0.16
N THR A 214 -5.23 -15.90 0.62
CA THR A 214 -6.11 -14.75 0.53
C THR A 214 -5.24 -13.62 0.04
N LEU A 215 -5.69 -12.95 -1.01
CA LEU A 215 -5.04 -11.79 -1.58
C LEU A 215 -5.75 -10.53 -1.08
N ARG A 216 -4.98 -9.57 -0.58
CA ARG A 216 -5.50 -8.24 -0.22
C ARG A 216 -4.70 -7.23 -1.05
N THR A 217 -5.42 -6.37 -1.77
CA THR A 217 -4.78 -5.37 -2.63
C THR A 217 -4.76 -4.03 -1.94
N GLU A 218 -3.84 -3.14 -2.32
CA GLU A 218 -3.79 -1.79 -1.74
C GLU A 218 -4.80 -0.87 -2.44
N ALA A 219 -5.25 -1.24 -3.65
CA ALA A 219 -6.21 -0.50 -4.48
C ALA A 219 -6.72 -1.37 -5.61
N GLY A 220 -8.04 -1.31 -5.82
CA GLY A 220 -8.76 -2.02 -6.88
C GLY A 220 -8.48 -3.51 -6.87
N GLU A 221 -8.23 -4.07 -8.04
CA GLU A 221 -7.94 -5.51 -8.19
C GLU A 221 -6.46 -5.83 -8.02
N GLY A 222 -5.63 -4.81 -7.80
CA GLY A 222 -4.19 -5.01 -7.64
C GLY A 222 -3.54 -5.72 -8.82
N PRO A 223 -2.76 -6.80 -8.58
CA PRO A 223 -2.10 -7.49 -9.71
C PRO A 223 -3.08 -8.19 -10.68
N LEU A 224 -4.32 -8.49 -10.22
CA LEU A 224 -5.36 -9.11 -11.05
C LEU A 224 -5.83 -8.22 -12.20
N VAL A 225 -5.68 -6.90 -12.07
CA VAL A 225 -6.08 -5.92 -13.09
C VAL A 225 -5.33 -6.15 -14.42
N LEU A 226 -4.10 -6.69 -14.38
CA LEU A 226 -3.33 -6.94 -15.61
C LEU A 226 -3.94 -8.04 -16.46
N LEU A 227 -4.83 -8.87 -15.88
CA LEU A 227 -5.58 -9.91 -16.61
C LEU A 227 -6.60 -9.32 -17.56
N LYS A 228 -6.93 -8.03 -17.41
CA LYS A 228 -7.85 -7.30 -18.31
C LYS A 228 -7.19 -7.01 -19.67
N LEU A 229 -5.86 -7.22 -19.77
CA LEU A 229 -5.10 -7.08 -21.01
C LEU A 229 -5.22 -8.33 -21.88
N ARG A 230 -5.74 -9.45 -21.33
CA ARG A 230 -5.94 -10.72 -22.05
C ARG A 230 -6.94 -10.51 -23.19
N ASN A 231 -6.46 -10.66 -24.44
CA ASN A 231 -7.20 -10.45 -25.70
C ASN A 231 -7.60 -8.99 -25.92
N PHE A 232 -6.92 -8.04 -25.23
CA PHE A 232 -7.24 -6.62 -25.36
C PHE A 232 -6.83 -6.11 -26.74
N VAL A 233 -7.73 -5.36 -27.36
CA VAL A 233 -7.55 -4.74 -28.68
C VAL A 233 -7.67 -3.20 -28.50
N LEU A 234 -6.66 -2.45 -28.93
CA LEU A 234 -6.72 -0.99 -28.89
C LEU A 234 -7.45 -0.61 -30.21
N PRO A 235 -8.62 0.05 -30.17
CA PRO A 235 -9.34 0.31 -31.43
C PRO A 235 -8.58 1.24 -32.36
N GLU A 236 -8.81 1.04 -33.67
CA GLU A 236 -8.16 1.75 -34.77
C GLU A 236 -8.77 3.13 -34.98
N THR A 237 -9.93 3.39 -34.34
CA THR A 237 -10.64 4.66 -34.47
C THR A 237 -11.07 5.23 -33.12
N VAL A 238 -11.13 6.57 -33.03
CA VAL A 238 -11.64 7.28 -31.87
C VAL A 238 -13.14 7.55 -32.11
N PHE A 239 -13.47 8.02 -33.33
CA PHE A 239 -14.84 8.35 -33.74
C PHE A 239 -15.39 7.48 -34.82
N GLU A 240 -16.72 7.33 -34.80
CA GLU A 240 -17.50 6.62 -35.81
C GLU A 240 -17.89 7.63 -36.90
N THR B 2 46.56 -2.34 5.24
CA THR B 2 46.74 -3.68 4.68
C THR B 2 46.64 -3.62 3.16
N PRO B 3 47.58 -4.23 2.40
CA PRO B 3 47.48 -4.18 0.92
C PRO B 3 46.16 -4.73 0.35
N ALA B 4 45.64 -5.86 0.90
CA ALA B 4 44.37 -6.44 0.47
C ALA B 4 43.15 -5.52 0.76
N ALA B 5 43.11 -4.90 1.97
CA ALA B 5 42.06 -3.97 2.40
C ALA B 5 42.13 -2.65 1.65
N GLU B 6 43.36 -2.22 1.29
CA GLU B 6 43.53 -0.96 0.56
C GLU B 6 43.14 -1.12 -0.88
N SER B 7 43.22 -2.35 -1.40
CA SER B 7 42.83 -2.72 -2.75
C SER B 7 41.30 -2.76 -2.82
N LEU B 8 40.64 -3.35 -1.81
CA LEU B 8 39.18 -3.40 -1.73
C LEU B 8 38.60 -1.97 -1.58
N ASN B 9 39.32 -1.09 -0.88
CA ASN B 9 38.91 0.29 -0.70
C ASN B 9 38.96 1.07 -1.99
N ALA B 10 39.97 0.80 -2.83
CA ALA B 10 40.16 1.42 -4.13
C ALA B 10 39.11 0.93 -5.13
N ARG B 11 38.76 -0.37 -5.09
CA ARG B 11 37.72 -0.97 -5.92
C ARG B 11 36.35 -0.36 -5.58
N TRP B 12 36.11 -0.13 -4.29
CA TRP B 12 34.90 0.49 -3.73
C TRP B 12 34.72 1.91 -4.24
N ARG B 13 35.82 2.70 -4.27
CA ARG B 13 35.66 4.06 -4.76
C ARG B 13 35.53 4.08 -6.31
N THR B 14 36.25 3.22 -7.05
CA THR B 14 36.16 3.18 -8.51
C THR B 14 34.80 2.63 -9.00
N ALA B 15 34.32 1.56 -8.37
CA ALA B 15 33.05 0.94 -8.76
C ALA B 15 31.80 1.65 -8.21
N VAL B 16 31.91 2.34 -7.03
CA VAL B 16 30.74 2.95 -6.42
C VAL B 16 30.88 4.44 -6.08
N VAL B 17 31.78 4.82 -5.15
CA VAL B 17 31.89 6.16 -4.55
C VAL B 17 32.19 7.27 -5.56
N ASP B 18 33.12 7.07 -6.51
CA ASP B 18 33.42 8.11 -7.51
C ASP B 18 32.16 8.53 -8.27
N GLY B 19 31.39 7.53 -8.71
CA GLY B 19 30.16 7.76 -9.43
C GLY B 19 29.06 8.35 -8.57
N TRP B 20 28.94 7.88 -7.30
CA TRP B 20 27.95 8.35 -6.33
C TRP B 20 28.15 9.84 -6.09
N ASN B 21 29.39 10.24 -5.84
CA ASN B 21 29.79 11.62 -5.58
C ASN B 21 29.53 12.57 -6.72
N ASN B 22 29.88 12.16 -7.94
CA ASN B 22 29.68 12.95 -9.13
C ASN B 22 28.18 13.21 -9.34
N ALA B 23 27.40 12.15 -9.18
CA ALA B 23 25.97 12.18 -9.37
C ALA B 23 25.20 12.94 -8.32
N PHE B 24 25.60 12.88 -7.02
CA PHE B 24 24.76 13.41 -5.96
C PHE B 24 25.31 14.55 -5.11
N SER B 25 26.61 14.83 -5.14
CA SER B 25 27.18 15.90 -4.31
C SER B 25 26.61 17.26 -4.69
N GLY B 26 26.29 18.07 -3.67
CA GLY B 26 25.72 19.41 -3.82
C GLY B 26 24.31 19.43 -4.39
N ARG B 27 23.57 18.31 -4.23
CA ARG B 27 22.21 18.25 -4.75
C ARG B 27 21.24 17.89 -3.66
N TYR B 28 19.98 18.33 -3.81
CA TYR B 28 18.94 17.99 -2.85
C TYR B 28 18.62 16.49 -3.01
N PRO B 29 18.43 15.68 -1.95
CA PRO B 29 18.32 16.00 -0.51
C PRO B 29 19.63 16.01 0.26
N PHE B 30 20.75 15.70 -0.41
CA PHE B 30 22.08 15.63 0.24
C PHE B 30 22.43 16.97 0.88
N LYS B 31 22.10 18.06 0.16
CA LYS B 31 22.28 19.46 0.58
C LYS B 31 20.98 20.20 0.34
N ASN B 32 20.63 21.18 1.21
CA ASN B 32 19.41 21.96 1.01
C ASN B 32 19.67 23.06 -0.01
N VAL B 33 19.63 22.66 -1.30
CA VAL B 33 19.88 23.52 -2.45
C VAL B 33 18.78 23.31 -3.49
N SER B 34 18.77 24.16 -4.54
CA SER B 34 17.82 24.15 -5.65
C SER B 34 18.04 22.98 -6.58
N SER B 35 19.29 22.57 -6.76
CA SER B 35 19.64 21.48 -7.66
C SER B 35 19.16 20.14 -7.10
N ASP B 36 18.57 19.30 -7.95
CA ASP B 36 17.97 18.03 -7.58
C ASP B 36 18.80 16.82 -7.95
N ALA B 37 18.86 15.82 -7.05
CA ALA B 37 19.50 14.54 -7.35
C ALA B 37 18.55 13.79 -8.30
N SER B 38 19.11 13.04 -9.24
CA SER B 38 18.30 12.25 -10.16
C SER B 38 17.77 10.99 -9.45
N LEU B 39 16.44 10.83 -9.34
CA LEU B 39 15.80 9.67 -8.75
C LEU B 39 16.08 8.36 -9.57
N PRO B 40 16.03 8.36 -10.94
CA PRO B 40 16.38 7.13 -11.67
C PRO B 40 17.84 6.73 -11.42
N LEU B 41 18.74 7.71 -11.29
CA LEU B 41 20.15 7.42 -11.03
C LEU B 41 20.35 6.90 -9.58
N LEU B 42 19.58 7.40 -8.63
CA LEU B 42 19.61 6.96 -7.24
C LEU B 42 19.19 5.49 -7.15
N ALA B 43 18.17 5.11 -7.96
CA ALA B 43 17.69 3.75 -8.07
C ALA B 43 18.80 2.84 -8.58
N LYS B 44 19.57 3.29 -9.58
CA LYS B 44 20.70 2.52 -10.12
C LYS B 44 21.74 2.19 -9.03
N TYR B 45 21.87 3.05 -8.01
CA TYR B 45 22.80 2.85 -6.91
C TYR B 45 22.24 2.02 -5.80
N LEU B 46 20.98 2.31 -5.40
CA LEU B 46 20.28 1.75 -4.25
C LEU B 46 19.51 0.47 -4.45
N ASN B 47 19.19 0.08 -5.69
CA ASN B 47 18.39 -1.14 -5.91
C ASN B 47 18.97 -2.31 -5.12
N THR B 48 18.12 -2.90 -4.27
CA THR B 48 18.46 -3.93 -3.28
C THR B 48 19.25 -5.11 -3.85
N ASP B 49 18.92 -5.53 -5.08
CA ASP B 49 19.57 -6.65 -5.71
C ASP B 49 20.50 -6.31 -6.87
N THR B 50 20.08 -5.42 -7.75
CA THR B 50 20.81 -5.10 -8.97
C THR B 50 21.53 -3.76 -8.93
N GLY B 51 21.34 -2.99 -7.86
CA GLY B 51 21.97 -1.68 -7.69
C GLY B 51 23.48 -1.81 -7.65
N ARG B 52 24.20 -0.70 -7.92
CA ARG B 52 25.68 -0.71 -7.96
C ARG B 52 26.29 -1.02 -6.59
N ILE B 53 25.65 -0.55 -5.51
CA ILE B 53 26.15 -0.85 -4.16
C ILE B 53 25.99 -2.35 -3.88
N ALA B 54 24.80 -2.93 -4.17
CA ALA B 54 24.50 -4.35 -3.93
C ALA B 54 25.46 -5.24 -4.70
N ARG B 55 25.71 -4.89 -5.94
CA ARG B 55 26.61 -5.66 -6.82
C ARG B 55 28.03 -5.66 -6.32
N PHE B 56 28.53 -4.49 -5.85
CA PHE B 56 29.86 -4.40 -5.24
C PHE B 56 29.96 -5.35 -4.06
N LEU B 57 28.98 -5.30 -3.13
CA LEU B 57 28.92 -6.13 -1.92
C LEU B 57 28.91 -7.62 -2.26
N GLN B 58 28.02 -8.04 -3.20
CA GLN B 58 27.89 -9.43 -3.64
C GLN B 58 29.19 -9.95 -4.28
N ASN B 59 29.79 -9.16 -5.19
CA ASN B 59 31.00 -9.53 -5.94
C ASN B 59 32.29 -9.47 -5.15
N ASN B 60 32.44 -8.54 -4.21
CA ASN B 60 33.70 -8.34 -3.52
C ASN B 60 33.71 -8.66 -2.05
N LEU B 61 32.54 -8.66 -1.39
CA LEU B 61 32.53 -8.85 0.05
C LEU B 61 31.87 -10.17 0.51
N SER B 62 31.94 -11.22 -0.36
CA SER B 62 31.47 -12.57 -0.02
C SER B 62 32.49 -13.22 0.92
N GLY B 63 32.01 -13.78 2.02
CA GLY B 63 32.86 -14.34 3.07
C GLY B 63 33.23 -13.32 4.14
N VAL B 64 32.96 -12.03 3.87
CA VAL B 64 33.27 -10.91 4.78
C VAL B 64 31.95 -10.31 5.31
N LEU B 65 30.96 -10.22 4.41
CA LEU B 65 29.66 -9.62 4.63
C LEU B 65 28.59 -10.53 4.04
N HIS B 66 27.46 -10.67 4.73
CA HIS B 66 26.38 -11.54 4.23
C HIS B 66 25.00 -10.92 4.46
N ARG B 67 24.00 -11.39 3.72
CA ARG B 67 22.62 -10.94 3.80
C ARG B 67 21.87 -11.65 4.90
N GLU B 68 21.24 -10.89 5.78
CA GLU B 68 20.44 -11.40 6.89
C GLU B 68 19.10 -10.67 6.79
N GLY B 69 18.21 -11.26 5.99
CA GLY B 69 16.91 -10.69 5.67
C GLY B 69 17.09 -9.52 4.73
N SER B 70 16.78 -8.32 5.25
CA SER B 70 16.83 -7.02 4.57
C SER B 70 18.11 -6.21 4.92
N ARG B 71 19.10 -6.84 5.55
CA ARG B 71 20.33 -6.13 5.92
C ARG B 71 21.58 -6.91 5.57
N TRP B 72 22.70 -6.19 5.40
CA TRP B 72 24.02 -6.75 5.18
C TRP B 72 24.67 -6.74 6.58
N VAL B 73 25.22 -7.88 7.00
CA VAL B 73 25.77 -8.07 8.35
C VAL B 73 27.22 -8.60 8.25
N PRO B 74 28.19 -8.07 9.05
CA PRO B 74 29.58 -8.61 8.99
C PRO B 74 29.64 -10.08 9.41
N ASP B 75 30.38 -10.91 8.64
CA ASP B 75 30.47 -12.35 8.91
C ASP B 75 31.03 -12.63 10.31
N THR B 76 30.40 -13.58 11.00
CA THR B 76 30.75 -14.07 12.33
C THR B 76 32.25 -14.45 12.49
N ILE B 77 32.95 -14.74 11.37
CA ILE B 77 34.38 -15.04 11.28
C ILE B 77 34.93 -14.71 9.86
N ASN B 78 36.13 -14.09 9.79
CA ASN B 78 36.76 -13.76 8.50
C ASN B 78 38.21 -14.26 8.43
N THR B 79 38.57 -14.99 7.35
CA THR B 79 39.90 -15.55 7.09
C THR B 79 40.97 -14.44 6.92
N ARG B 80 40.58 -13.31 6.30
CA ARG B 80 41.42 -12.13 6.14
C ARG B 80 41.15 -11.26 7.38
N GLY B 81 42.22 -10.84 8.06
CA GLY B 81 42.13 -10.03 9.27
C GLY B 81 41.68 -8.61 8.99
N LEU B 82 40.38 -8.42 8.71
CA LEU B 82 39.89 -7.11 8.36
C LEU B 82 38.91 -6.51 9.36
N THR B 83 38.98 -5.20 9.51
CA THR B 83 38.14 -4.40 10.38
C THR B 83 37.40 -3.42 9.51
N PHE B 84 36.06 -3.49 9.54
CA PHE B 84 35.21 -2.60 8.77
C PHE B 84 35.32 -1.20 9.34
N ASN B 85 35.25 -0.20 8.46
CA ASN B 85 35.20 1.21 8.84
C ASN B 85 33.75 1.34 9.40
N PRO B 86 33.56 1.71 10.70
CA PRO B 86 32.18 1.78 11.24
C PRO B 86 31.24 2.70 10.46
N ALA B 87 31.79 3.75 9.81
CA ALA B 87 31.01 4.69 9.03
C ALA B 87 30.46 4.01 7.77
N PHE B 88 31.14 2.92 7.31
CA PHE B 88 30.72 2.13 6.16
C PHE B 88 29.48 1.31 6.49
N LEU B 89 29.51 0.62 7.64
CA LEU B 89 28.38 -0.20 8.08
C LEU B 89 27.16 0.64 8.37
N LYS B 90 27.36 1.81 9.02
CA LYS B 90 26.29 2.77 9.29
C LYS B 90 25.69 3.24 7.93
N ALA B 91 26.55 3.59 6.96
CA ALA B 91 26.11 4.08 5.65
C ALA B 91 25.26 3.07 4.90
N ILE B 92 25.74 1.80 4.80
CA ILE B 92 24.99 0.77 4.06
C ILE B 92 23.68 0.41 4.78
N ASN B 93 23.64 0.47 6.11
CA ASN B 93 22.43 0.22 6.89
C ASN B 93 21.37 1.29 6.63
N THR B 94 21.79 2.57 6.56
CA THR B 94 20.91 3.69 6.24
C THR B 94 20.35 3.50 4.84
N LEU B 95 21.22 3.20 3.86
CA LEU B 95 20.82 3.04 2.47
C LEU B 95 19.92 1.84 2.26
N SER B 96 20.15 0.74 3.00
CA SER B 96 19.29 -0.45 2.96
C SER B 96 17.87 -0.10 3.42
N GLU B 97 17.75 0.73 4.46
CA GLU B 97 16.47 1.18 4.98
C GLU B 97 15.76 2.06 3.92
N ILE B 98 16.52 2.88 3.23
CA ILE B 98 15.94 3.72 2.18
C ILE B 98 15.44 2.87 1.02
N ALA B 99 16.28 1.93 0.55
CA ALA B 99 15.93 1.04 -0.57
C ALA B 99 14.66 0.23 -0.25
N ASP B 100 14.59 -0.29 0.97
CA ASP B 100 13.45 -1.08 1.50
C ASP B 100 12.13 -0.31 1.51
N VAL B 101 12.18 1.00 1.69
CA VAL B 101 11.00 1.85 1.76
C VAL B 101 10.67 2.46 0.38
N ALA B 102 11.67 2.93 -0.34
CA ALA B 102 11.42 3.72 -1.52
C ALA B 102 11.81 3.12 -2.85
N PHE B 103 12.57 2.01 -2.88
CA PHE B 103 13.02 1.46 -4.16
C PHE B 103 12.64 -0.02 -4.35
N THR B 104 11.52 -0.46 -3.79
CA THR B 104 11.09 -1.88 -3.83
C THR B 104 10.76 -2.41 -5.23
N THR B 105 10.26 -1.55 -6.13
CA THR B 105 9.88 -1.94 -7.49
C THR B 105 11.03 -1.97 -8.51
N GLY B 106 12.24 -1.53 -8.10
CA GLY B 106 13.39 -1.42 -9.01
C GLY B 106 13.56 0.01 -9.52
N ASN B 107 12.62 0.88 -9.14
CA ASN B 107 12.57 2.31 -9.45
C ASN B 107 12.10 2.99 -8.17
N ALA B 108 12.25 4.30 -8.09
CA ALA B 108 11.78 5.09 -6.96
C ALA B 108 10.26 5.01 -6.94
N GLY B 109 9.68 4.83 -5.79
CA GLY B 109 8.24 4.76 -5.72
C GLY B 109 7.76 4.13 -4.45
N LEU B 110 6.89 4.84 -3.77
CA LEU B 110 6.27 4.42 -2.51
C LEU B 110 4.84 5.04 -2.50
N HIS B 111 4.00 4.53 -1.64
CA HIS B 111 2.62 4.99 -1.46
C HIS B 111 2.46 5.34 0.00
N PHE B 112 1.68 6.35 0.27
CA PHE B 112 1.39 6.76 1.65
C PHE B 112 0.00 7.35 1.61
N GLU B 113 -0.56 7.59 2.78
CA GLU B 113 -1.86 8.21 2.87
C GLU B 113 -1.78 9.46 3.73
N LEU B 114 -2.65 10.41 3.43
CA LEU B 114 -2.76 11.64 4.22
C LEU B 114 -4.20 11.85 4.66
N ARG B 115 -4.39 12.19 5.95
CA ARG B 115 -5.71 12.52 6.48
C ARG B 115 -5.64 13.98 6.94
N PRO B 116 -6.45 14.89 6.35
CA PRO B 116 -6.39 16.30 6.78
C PRO B 116 -6.97 16.54 8.16
N GLY B 117 -6.26 17.37 8.89
CA GLY B 117 -6.63 17.80 10.23
C GLY B 117 -7.28 19.17 10.17
N THR B 118 -7.54 19.75 11.33
CA THR B 118 -8.20 21.04 11.43
C THR B 118 -7.38 21.96 12.33
N ALA B 119 -7.68 23.26 12.24
CA ALA B 119 -7.05 24.30 13.06
C ALA B 119 -7.89 25.55 13.00
N ALA B 120 -7.87 26.32 14.11
CA ALA B 120 -8.58 27.60 14.25
C ALA B 120 -8.09 28.55 13.16
N GLY B 121 -9.04 29.23 12.51
CA GLY B 121 -8.76 30.21 11.47
C GLY B 121 -8.49 29.66 10.09
N VAL B 122 -8.58 28.33 9.92
CA VAL B 122 -8.32 27.71 8.64
C VAL B 122 -9.64 27.25 8.03
N MET B 123 -9.94 27.75 6.82
CA MET B 123 -11.18 27.39 6.09
C MET B 123 -10.92 26.28 5.08
N GLN B 124 -9.74 26.31 4.45
CA GLN B 124 -9.38 25.36 3.42
C GLN B 124 -7.87 25.14 3.40
N THR B 125 -7.44 23.92 3.05
CA THR B 125 -6.05 23.57 2.81
C THR B 125 -6.05 22.89 1.46
N THR B 126 -5.01 23.15 0.65
CA THR B 126 -4.84 22.52 -0.66
C THR B 126 -3.42 22.05 -0.73
N LEU B 127 -3.24 20.73 -0.64
CA LEU B 127 -1.94 20.10 -0.73
C LEU B 127 -1.85 19.42 -2.07
N ILE B 128 -0.82 19.75 -2.83
CA ILE B 128 -0.62 19.13 -4.14
C ILE B 128 0.76 18.55 -4.22
N THR B 129 0.85 17.28 -4.68
CA THR B 129 2.13 16.66 -4.94
C THR B 129 2.05 15.89 -6.24
N ASP B 130 2.90 16.26 -7.20
CA ASP B 130 2.96 15.65 -8.53
C ASP B 130 1.56 15.46 -9.15
N ASN B 131 0.76 16.54 -9.12
CA ASN B 131 -0.60 16.63 -9.66
C ASN B 131 -1.65 15.82 -8.88
N GLN B 132 -1.35 15.45 -7.62
CA GLN B 132 -2.33 14.77 -6.78
C GLN B 132 -2.77 15.82 -5.79
N LYS B 133 -4.05 16.13 -5.78
CA LYS B 133 -4.56 17.22 -4.98
C LYS B 133 -5.45 16.75 -3.90
N LEU B 134 -5.26 17.33 -2.72
CA LEU B 134 -6.09 17.05 -1.57
C LEU B 134 -6.58 18.41 -1.08
N ILE B 135 -7.87 18.65 -1.27
CA ILE B 135 -8.55 19.88 -0.86
C ILE B 135 -9.41 19.50 0.33
N TYR B 136 -9.28 20.25 1.40
CA TYR B 136 -10.04 19.99 2.62
C TYR B 136 -10.72 21.25 3.10
N VAL B 137 -12.02 21.14 3.40
CA VAL B 137 -12.85 22.27 3.82
C VAL B 137 -13.57 22.01 5.15
N ASN B 138 -12.91 21.29 6.07
CA ASN B 138 -13.39 20.98 7.43
C ASN B 138 -14.62 20.03 7.47
N GLN B 139 -14.76 19.17 6.45
CA GLN B 139 -15.82 18.14 6.36
C GLN B 139 -15.30 16.86 7.06
N MET B 140 -16.08 15.74 7.01
CA MET B 140 -15.62 14.46 7.59
C MET B 140 -14.28 14.08 6.95
N PRO B 141 -13.22 13.89 7.77
CA PRO B 141 -11.89 13.60 7.18
C PRO B 141 -11.76 12.19 6.60
N VAL B 142 -11.30 12.12 5.34
CA VAL B 142 -11.04 10.84 4.67
C VAL B 142 -9.53 10.70 4.35
N TRP B 143 -9.01 9.47 4.42
CA TRP B 143 -7.63 9.19 4.08
C TRP B 143 -7.54 9.24 2.57
N LYS B 144 -6.57 10.01 2.06
CA LYS B 144 -6.33 10.05 0.62
C LYS B 144 -4.99 9.38 0.40
N ARG B 145 -4.93 8.55 -0.61
CA ARG B 145 -3.77 7.79 -0.99
C ARG B 145 -2.98 8.59 -2.02
N PHE B 146 -1.65 8.62 -1.83
CA PHE B 146 -0.71 9.31 -2.68
C PHE B 146 0.41 8.40 -3.07
N THR B 147 1.03 8.73 -4.20
CA THR B 147 2.19 8.07 -4.75
C THR B 147 3.29 9.11 -4.84
N TRP B 148 4.52 8.69 -4.56
CA TRP B 148 5.70 9.52 -4.76
C TRP B 148 6.84 8.66 -5.28
N PRO B 149 7.50 9.05 -6.39
CA PRO B 149 7.15 10.13 -7.33
C PRO B 149 5.92 9.70 -8.11
N ALA B 150 5.08 10.61 -8.56
CA ALA B 150 3.94 10.18 -9.39
C ALA B 150 4.25 10.66 -10.80
N ASP B 151 3.66 10.02 -11.79
CA ASP B 151 3.86 10.37 -13.18
C ASP B 151 3.26 11.74 -13.49
N THR B 152 4.09 12.66 -14.03
CA THR B 152 3.74 14.05 -14.44
C THR B 152 4.88 14.72 -15.21
N GLU B 153 4.54 15.67 -16.09
CA GLU B 153 5.51 16.47 -16.87
C GLU B 153 6.08 17.59 -16.01
N ALA B 154 5.30 18.08 -15.02
CA ALA B 154 5.71 19.14 -14.11
C ALA B 154 5.74 18.67 -12.63
N PRO B 155 6.75 17.87 -12.20
CA PRO B 155 6.77 17.44 -10.79
C PRO B 155 6.96 18.61 -9.81
N GLY B 156 6.43 18.44 -8.62
CA GLY B 156 6.53 19.43 -7.55
C GLY B 156 5.48 19.25 -6.49
N ALA B 157 5.57 20.06 -5.44
CA ALA B 157 4.59 20.03 -4.38
C ALA B 157 4.25 21.49 -4.02
N SER B 158 3.08 21.69 -3.48
CA SER B 158 2.66 23.01 -3.02
C SER B 158 1.69 22.83 -1.92
N LEU B 159 1.61 23.84 -1.09
CA LEU B 159 0.67 23.86 0.00
C LEU B 159 0.15 25.29 0.08
N SER B 160 -1.18 25.44 -0.03
CA SER B 160 -1.87 26.70 0.04
C SER B 160 -3.03 26.52 1.00
N TRP B 161 -3.69 27.60 1.37
CA TRP B 161 -4.76 27.51 2.34
C TRP B 161 -5.59 28.77 2.28
N VAL B 162 -6.78 28.74 2.89
CA VAL B 162 -7.70 29.85 2.91
C VAL B 162 -7.93 30.21 4.38
N SER B 163 -7.61 31.47 4.70
CA SER B 163 -7.77 31.98 6.05
C SER B 163 -9.14 32.61 6.19
N THR B 164 -9.57 32.76 7.45
CA THR B 164 -10.80 33.42 7.85
C THR B 164 -10.80 34.92 7.45
N GLN B 165 -9.63 35.57 7.44
CA GLN B 165 -9.49 37.00 7.12
C GLN B 165 -9.10 37.28 5.67
N ALA B 166 -7.90 36.86 5.24
CA ALA B 166 -7.46 37.11 3.85
C ALA B 166 -8.02 35.96 2.98
N GLY B 167 -7.80 36.00 1.67
CA GLY B 167 -8.30 34.93 0.82
C GLY B 167 -7.39 33.71 0.83
N THR B 168 -7.02 33.27 -0.37
CA THR B 168 -6.14 32.13 -0.52
C THR B 168 -4.69 32.62 -0.37
N ARG B 169 -3.94 31.88 0.44
CA ARG B 169 -2.57 32.15 0.84
C ARG B 169 -1.68 31.01 0.45
N GLN B 170 -0.44 31.32 0.13
CA GLN B 170 0.56 30.34 -0.20
C GLN B 170 1.32 30.04 1.09
N TYR B 171 1.53 28.76 1.36
CA TYR B 171 2.41 28.41 2.45
C TYR B 171 3.81 28.23 1.82
N ALA B 172 3.90 27.41 0.73
CA ALA B 172 5.11 27.11 -0.01
C ALA B 172 4.77 26.49 -1.35
N ASP B 173 5.68 26.61 -2.32
CA ASP B 173 5.57 26.09 -3.68
C ASP B 173 6.94 25.57 -4.00
N LEU B 174 7.08 24.24 -4.06
CA LEU B 174 8.36 23.56 -4.22
C LEU B 174 8.43 22.73 -5.52
N PRO B 175 9.03 23.27 -6.59
CA PRO B 175 9.10 22.52 -7.86
C PRO B 175 10.16 21.41 -7.88
N GLY B 176 10.02 20.52 -8.85
CA GLY B 176 10.95 19.42 -9.02
C GLY B 176 10.49 18.12 -8.42
N SER B 177 11.18 17.03 -8.79
CA SER B 177 10.87 15.66 -8.39
C SER B 177 10.95 15.43 -6.87
N TRP B 178 11.66 16.31 -6.14
CA TRP B 178 11.83 16.24 -4.70
C TRP B 178 10.88 17.16 -3.96
N GLY B 179 9.98 17.82 -4.69
CA GLY B 179 9.00 18.74 -4.12
C GLY B 179 8.34 18.29 -2.82
N LEU B 180 7.84 17.05 -2.79
CA LEU B 180 7.18 16.50 -1.60
C LEU B 180 8.13 16.38 -0.41
N ILE B 181 9.36 15.95 -0.67
CA ILE B 181 10.35 15.75 0.38
C ILE B 181 10.72 17.10 0.99
N ARG B 182 10.91 18.11 0.14
CA ARG B 182 11.20 19.51 0.54
C ARG B 182 10.07 20.07 1.41
N LEU B 183 8.82 19.81 1.02
CA LEU B 183 7.65 20.22 1.79
C LEU B 183 7.66 19.55 3.17
N LEU B 184 7.85 18.23 3.22
CA LEU B 184 7.82 17.44 4.45
C LEU B 184 8.87 17.86 5.42
N GLU B 185 10.05 18.24 4.90
CA GLU B 185 11.16 18.73 5.69
C GLU B 185 10.78 20.02 6.48
N MET B 186 9.88 20.84 5.91
CA MET B 186 9.42 22.09 6.55
C MET B 186 8.35 21.87 7.63
N ALA B 187 7.73 20.68 7.66
CA ALA B 187 6.70 20.38 8.67
C ALA B 187 7.30 20.11 10.05
N ARG B 188 6.50 20.35 11.09
CA ARG B 188 6.83 19.96 12.45
C ARG B 188 6.25 18.53 12.49
N ARG B 189 7.10 17.54 12.75
CA ARG B 189 6.70 16.14 12.70
C ARG B 189 6.91 15.41 14.02
N LYS B 190 5.94 14.57 14.38
CA LYS B 190 6.00 13.71 15.56
C LYS B 190 5.16 12.45 15.35
N ALA B 191 5.47 11.35 16.05
CA ALA B 191 4.68 10.11 16.00
C ALA B 191 3.24 10.42 16.44
N ALA B 192 2.26 9.92 15.71
CA ALA B 192 0.86 10.20 16.06
C ALA B 192 0.30 9.10 16.97
N PRO B 193 -0.44 9.44 18.06
CA PRO B 193 -1.04 8.38 18.91
C PRO B 193 -1.97 7.43 18.14
N GLY B 194 -2.66 7.94 17.12
CA GLY B 194 -3.51 7.18 16.21
C GLY B 194 -2.67 6.58 15.08
N VAL B 195 -1.78 5.69 15.51
CA VAL B 195 -0.78 4.95 14.74
C VAL B 195 -1.40 3.56 14.35
N ALA B 196 -0.80 2.75 13.46
CA ALA B 196 0.46 2.93 12.74
C ALA B 196 0.23 2.96 11.22
N SER B 197 1.24 3.27 10.41
CA SER B 197 2.56 3.78 10.79
C SER B 197 2.30 5.28 10.59
N GLY B 198 1.80 5.92 11.64
CA GLY B 198 1.31 7.29 11.64
C GLY B 198 2.18 8.38 12.23
N TRP B 199 2.16 9.53 11.56
CA TRP B 199 2.90 10.71 11.96
C TRP B 199 1.99 11.93 11.87
N SER B 200 1.99 12.76 12.89
CA SER B 200 1.21 13.98 12.79
C SER B 200 2.15 15.00 12.09
N LEU B 201 1.63 15.69 11.06
CA LEU B 201 2.38 16.71 10.32
C LEU B 201 1.72 18.05 10.53
N SER B 202 2.51 19.08 10.72
CA SER B 202 2.00 20.42 10.99
C SER B 202 2.90 21.48 10.37
N TRP B 203 2.38 22.20 9.39
CA TRP B 203 3.08 23.32 8.77
C TRP B 203 2.59 24.61 9.41
N GLN B 204 3.52 25.46 9.87
CA GLN B 204 3.16 26.73 10.49
C GLN B 204 2.99 27.81 9.43
N ALA B 205 1.74 28.13 9.14
CA ALA B 205 1.39 29.12 8.15
C ALA B 205 1.42 30.51 8.79
N GLN B 206 1.11 31.53 8.02
CA GLN B 206 1.09 32.90 8.51
C GLN B 206 -0.05 33.13 9.53
N ASP B 207 0.14 34.12 10.42
CA ASP B 207 -0.80 34.55 11.46
C ASP B 207 -1.07 33.46 12.55
N GLY B 208 -0.08 32.61 12.80
CA GLY B 208 -0.15 31.52 13.78
C GLY B 208 -1.03 30.36 13.38
N ARG B 209 -1.43 30.29 12.10
CA ARG B 209 -2.29 29.22 11.61
C ARG B 209 -1.51 27.94 11.34
N MET B 210 -2.09 26.79 11.73
CA MET B 210 -1.46 25.48 11.57
C MET B 210 -2.15 24.69 10.48
N LEU B 211 -1.36 24.12 9.57
CA LEU B 211 -1.90 23.31 8.46
C LEU B 211 -1.56 21.89 8.83
N ASN B 212 -2.58 21.18 9.38
CA ASN B 212 -2.43 19.86 9.97
C ASN B 212 -2.86 18.71 9.13
N TYR B 213 -2.08 17.64 9.21
CA TYR B 213 -2.36 16.38 8.53
C TYR B 213 -1.83 15.21 9.32
N THR B 214 -2.37 14.03 9.07
CA THR B 214 -1.84 12.80 9.63
C THR B 214 -1.32 12.02 8.45
N LEU B 215 -0.08 11.58 8.56
CA LEU B 215 0.57 10.74 7.56
C LEU B 215 0.52 9.30 8.03
N ARG B 216 0.09 8.38 7.16
CA ARG B 216 0.15 6.93 7.41
C ARG B 216 0.98 6.33 6.28
N THR B 217 2.01 5.59 6.64
CA THR B 217 2.94 5.00 5.67
C THR B 217 2.60 3.53 5.50
N GLU B 218 2.98 2.94 4.36
CA GLU B 218 2.75 1.51 4.11
C GLU B 218 3.86 0.69 4.74
N ALA B 219 5.01 1.31 5.00
CA ALA B 219 6.19 0.68 5.64
C ALA B 219 7.17 1.73 6.14
N GLY B 220 7.69 1.50 7.34
CA GLY B 220 8.66 2.35 8.02
C GLY B 220 8.24 3.81 8.07
N GLU B 221 9.17 4.69 7.77
CA GLU B 221 8.92 6.12 7.81
C GLU B 221 8.34 6.65 6.49
N GLY B 222 8.17 5.78 5.49
CA GLY B 222 7.65 6.16 4.18
C GLY B 222 8.45 7.27 3.52
N PRO B 223 7.79 8.37 3.07
CA PRO B 223 8.56 9.45 2.41
C PRO B 223 9.55 10.19 3.32
N LEU B 224 9.35 10.14 4.66
CA LEU B 224 10.24 10.75 5.65
C LEU B 224 11.63 10.14 5.66
N VAL B 225 11.77 8.86 5.23
CA VAL B 225 13.04 8.15 5.20
C VAL B 225 14.08 8.86 4.30
N LEU B 226 13.62 9.58 3.26
CA LEU B 226 14.54 10.30 2.35
C LEU B 226 15.24 11.47 3.01
N LEU B 227 14.71 11.93 4.17
CA LEU B 227 15.36 12.98 4.98
C LEU B 227 16.66 12.49 5.62
N LYS B 228 16.89 11.14 5.65
CA LYS B 228 18.12 10.53 6.18
C LYS B 228 19.29 10.72 5.20
N LEU B 229 19.00 11.20 3.97
CA LEU B 229 20.02 11.52 2.98
C LEU B 229 20.61 12.93 3.22
N ARG B 230 19.97 13.75 4.09
CA ARG B 230 20.42 15.10 4.40
C ARG B 230 21.79 15.02 5.09
N ASN B 231 22.82 15.59 4.43
CA ASN B 231 24.24 15.59 4.82
C ASN B 231 24.85 14.21 4.81
N PHE B 232 24.23 13.24 4.10
CA PHE B 232 24.74 11.86 4.01
C PHE B 232 26.05 11.84 3.22
N VAL B 233 27.04 11.15 3.77
CA VAL B 233 28.35 10.99 3.15
C VAL B 233 28.57 9.49 2.94
N LEU B 234 28.86 9.06 1.68
CA LEU B 234 29.18 7.67 1.39
C LEU B 234 30.68 7.58 1.72
N PRO B 235 31.10 6.74 2.68
CA PRO B 235 32.54 6.72 3.04
C PRO B 235 33.40 6.24 1.87
N GLU B 236 34.64 6.76 1.84
CA GLU B 236 35.66 6.49 0.80
C GLU B 236 36.34 5.16 1.03
N THR B 237 36.11 4.56 2.21
CA THR B 237 36.71 3.27 2.59
C THR B 237 35.68 2.27 3.16
N VAL B 238 35.94 0.98 2.93
CA VAL B 238 35.14 -0.10 3.46
C VAL B 238 35.83 -0.57 4.76
N PHE B 239 37.17 -0.71 4.71
CA PHE B 239 37.99 -1.19 5.82
C PHE B 239 38.93 -0.12 6.36
N GLU B 240 39.15 -0.13 7.68
CA GLU B 240 40.07 0.80 8.33
C GLU B 240 41.38 0.12 8.71
N ILE C 23 21.12 -37.24 33.24
CA ILE C 23 20.52 -37.41 31.93
C ILE C 23 21.54 -37.00 30.84
N LYS C 24 21.80 -37.89 29.87
CA LYS C 24 22.73 -37.69 28.75
C LYS C 24 22.00 -37.31 27.42
N THR C 25 20.96 -38.08 27.02
CA THR C 25 20.14 -37.87 25.82
C THR C 25 18.73 -37.41 26.26
N LEU C 26 18.02 -36.67 25.39
CA LEU C 26 16.66 -36.18 25.63
C LEU C 26 15.65 -37.06 24.90
N HIS C 27 14.86 -37.79 25.66
CA HIS C 27 13.89 -38.70 25.09
C HIS C 27 12.52 -38.14 25.22
N LEU C 28 11.90 -37.88 24.07
CA LEU C 28 10.54 -37.37 23.96
C LEU C 28 9.80 -38.10 22.88
N ASP C 29 8.53 -38.35 23.10
CA ASP C 29 7.66 -38.95 22.10
C ASP C 29 6.48 -38.00 21.93
N ILE C 30 6.22 -37.61 20.67
CA ILE C 30 5.12 -36.70 20.38
C ILE C 30 4.10 -37.48 19.59
N ARG C 31 2.95 -37.73 20.21
CA ARG C 31 1.89 -38.52 19.62
C ARG C 31 0.71 -37.62 19.28
N ALA C 32 0.19 -37.79 18.08
CA ALA C 32 -0.96 -37.02 17.63
C ALA C 32 -2.21 -37.87 17.46
N ARG C 33 -3.35 -37.36 17.89
CA ARG C 33 -4.66 -38.01 17.70
C ARG C 33 -5.10 -37.78 16.24
N GLU C 34 -6.16 -38.48 15.78
CA GLU C 34 -6.67 -38.31 14.41
C GLU C 34 -7.02 -36.84 14.12
N ALA C 35 -7.75 -36.18 15.03
CA ALA C 35 -8.12 -34.77 14.90
C ALA C 35 -7.12 -33.84 15.63
N ILE C 36 -6.14 -33.31 14.88
CA ILE C 36 -5.13 -32.35 15.34
C ILE C 36 -5.10 -31.13 14.41
N ASN C 37 -4.76 -29.94 14.97
CA ASN C 37 -4.58 -28.67 14.26
C ASN C 37 -5.73 -28.35 13.28
N THR C 38 -6.94 -28.64 13.73
CA THR C 38 -8.16 -28.50 12.97
C THR C 38 -8.40 -27.07 12.51
N SER C 39 -8.57 -26.93 11.20
CA SER C 39 -8.93 -25.68 10.52
C SER C 39 -10.39 -25.30 10.87
N ALA C 40 -10.92 -24.24 10.24
CA ALA C 40 -12.30 -23.79 10.46
C ALA C 40 -13.30 -24.87 10.04
N ALA C 41 -13.02 -25.54 8.91
CA ALA C 41 -13.85 -26.60 8.36
C ALA C 41 -13.76 -27.92 9.13
N GLY C 42 -12.98 -27.94 10.21
CA GLY C 42 -12.81 -29.12 11.05
C GLY C 42 -11.88 -30.16 10.47
N ILE C 43 -11.15 -29.78 9.40
CA ILE C 43 -10.21 -30.63 8.69
C ILE C 43 -8.87 -30.76 9.48
N PRO C 44 -8.42 -31.99 9.83
CA PRO C 44 -7.15 -32.15 10.54
C PRO C 44 -5.92 -31.86 9.67
N LEU C 45 -4.97 -31.10 10.24
CA LEU C 45 -3.75 -30.73 9.52
C LEU C 45 -2.50 -31.12 10.26
N SER C 46 -1.38 -31.31 9.53
CA SER C 46 -0.09 -31.57 10.13
C SER C 46 0.37 -30.29 10.81
N VAL C 47 1.24 -30.43 11.80
CA VAL C 47 1.70 -29.29 12.58
C VAL C 47 3.19 -29.43 12.86
N VAL C 48 3.91 -28.31 12.99
CA VAL C 48 5.34 -28.29 13.34
C VAL C 48 5.44 -28.07 14.85
N VAL C 49 6.22 -28.91 15.50
CA VAL C 49 6.48 -28.85 16.93
C VAL C 49 7.93 -28.50 17.06
N ARG C 50 8.20 -27.49 17.87
CA ARG C 50 9.55 -27.05 18.15
C ARG C 50 9.96 -27.44 19.58
N ILE C 51 11.14 -28.00 19.70
CA ILE C 51 11.71 -28.44 20.98
C ILE C 51 12.93 -27.55 21.28
N TYR C 52 12.90 -26.86 22.43
CA TYR C 52 13.93 -25.92 22.84
C TYR C 52 14.73 -26.45 24.03
N GLN C 53 16.06 -26.35 23.95
CA GLN C 53 16.95 -26.68 25.06
C GLN C 53 17.32 -25.35 25.72
N LEU C 54 16.64 -25.04 26.84
CA LEU C 54 16.77 -23.74 27.51
C LEU C 54 17.67 -23.74 28.72
N LYS C 55 18.29 -22.56 29.02
CA LYS C 55 19.13 -22.33 30.19
C LYS C 55 18.24 -21.98 31.40
N ASP C 56 17.09 -21.32 31.16
CA ASP C 56 16.06 -21.00 32.13
C ASP C 56 14.72 -20.82 31.43
N ASN C 57 13.61 -20.97 32.17
CA ASN C 57 12.25 -20.92 31.65
C ASN C 57 11.52 -19.55 31.72
N ARG C 58 12.20 -18.47 32.18
CA ARG C 58 11.60 -17.13 32.29
C ARG C 58 11.26 -16.45 30.92
N SER C 59 12.29 -16.32 30.04
CA SER C 59 12.16 -15.73 28.71
C SER C 59 11.11 -16.47 27.85
N PHE C 60 11.20 -17.83 27.81
CA PHE C 60 10.29 -18.71 27.07
C PHE C 60 8.85 -18.50 27.52
N ASP C 61 8.62 -18.59 28.83
CA ASP C 61 7.29 -18.43 29.41
C ASP C 61 6.70 -17.05 29.16
N SER C 62 7.51 -16.00 29.34
CA SER C 62 7.05 -14.62 29.14
C SER C 62 6.69 -14.33 27.67
N ALA C 63 7.38 -14.99 26.72
CA ALA C 63 7.15 -14.81 25.28
C ALA C 63 5.87 -15.47 24.78
N ASP C 64 5.10 -14.71 24.01
CA ASP C 64 3.85 -15.19 23.42
C ASP C 64 4.17 -15.93 22.11
N TYR C 65 3.14 -16.51 21.49
CA TYR C 65 3.21 -17.26 20.23
C TYR C 65 3.98 -16.46 19.16
N GLN C 66 3.50 -15.24 18.85
CA GLN C 66 4.06 -14.32 17.87
C GLN C 66 5.56 -14.10 18.10
N ALA C 67 5.97 -13.76 19.34
CA ALA C 67 7.39 -13.53 19.65
C ALA C 67 8.24 -14.78 19.42
N LEU C 68 7.74 -15.93 19.92
CA LEU C 68 8.43 -17.21 19.83
C LEU C 68 8.61 -17.69 18.41
N PHE C 69 7.58 -17.52 17.55
CA PHE C 69 7.66 -18.01 16.19
C PHE C 69 7.87 -16.94 15.12
N THR C 70 8.48 -15.77 15.49
CA THR C 70 8.76 -14.56 14.68
C THR C 70 7.59 -14.20 13.72
N GLY C 78 19.74 -15.31 25.10
CA GLY C 78 20.75 -16.34 25.09
C GLY C 78 20.35 -17.65 25.77
N ASP C 79 19.05 -17.77 26.14
CA ASP C 79 18.48 -18.96 26.79
C ASP C 79 18.55 -20.21 25.92
N ILE C 80 18.53 -20.04 24.59
CA ILE C 80 18.54 -21.11 23.58
C ILE C 80 19.92 -21.72 23.38
N ILE C 81 20.03 -22.99 23.77
CA ILE C 81 21.25 -23.77 23.61
C ILE C 81 21.17 -24.48 22.26
N ALA C 82 20.08 -25.27 22.05
CA ALA C 82 19.77 -26.03 20.84
C ALA C 82 18.30 -25.87 20.50
N GLN C 83 17.96 -26.07 19.22
CA GLN C 83 16.59 -25.99 18.71
C GLN C 83 16.38 -27.13 17.73
N LYS C 84 15.20 -27.76 17.79
CA LYS C 84 14.83 -28.89 16.94
C LYS C 84 13.38 -28.72 16.51
N ASP C 85 13.09 -28.98 15.23
CA ASP C 85 11.75 -28.93 14.65
C ASP C 85 11.36 -30.31 14.18
N VAL C 86 10.17 -30.77 14.57
CA VAL C 86 9.66 -32.06 14.14
C VAL C 86 8.34 -31.82 13.46
N TRP C 87 8.04 -32.63 12.44
CA TRP C 87 6.78 -32.54 11.74
C TRP C 87 5.83 -33.61 12.24
N LEU C 88 4.63 -33.20 12.66
CA LEU C 88 3.65 -34.12 13.19
C LEU C 88 2.45 -34.18 12.31
N GLN C 89 2.24 -35.34 11.74
CA GLN C 89 1.14 -35.61 10.82
C GLN C 89 -0.09 -36.06 11.62
N PRO C 90 -1.34 -35.79 11.19
CA PRO C 90 -2.52 -36.29 11.98
C PRO C 90 -2.57 -37.81 12.15
N GLY C 91 -2.76 -38.25 13.40
CA GLY C 91 -2.77 -39.66 13.75
C GLY C 91 -1.38 -40.27 13.75
N GLY C 92 -0.37 -39.41 13.66
CA GLY C 92 1.03 -39.82 13.59
C GLY C 92 1.77 -39.72 14.90
N SER C 93 3.04 -40.08 14.84
CA SER C 93 3.96 -40.06 15.97
C SER C 93 5.35 -39.75 15.48
N VAL C 94 6.14 -39.09 16.33
CA VAL C 94 7.54 -38.73 16.09
C VAL C 94 8.28 -38.87 17.41
N ALA C 95 9.49 -39.48 17.36
CA ALA C 95 10.36 -39.68 18.50
C ALA C 95 11.56 -38.76 18.43
N VAL C 96 11.78 -38.03 19.53
CA VAL C 96 12.89 -37.10 19.66
C VAL C 96 13.94 -37.76 20.54
N ASP C 97 15.13 -37.97 20.00
CA ASP C 97 16.29 -38.49 20.72
C ASP C 97 17.39 -37.55 20.31
N MET C 98 17.75 -36.59 21.19
CA MET C 98 18.79 -35.60 20.90
C MET C 98 19.73 -35.38 22.12
N PRO C 99 21.05 -35.10 21.91
CA PRO C 99 21.96 -34.94 23.05
C PRO C 99 21.64 -33.77 23.98
N LEU C 100 21.37 -34.11 25.24
CA LEU C 100 21.08 -33.07 26.21
C LEU C 100 22.41 -32.41 26.57
N ASP C 101 22.54 -31.11 26.25
CA ASP C 101 23.74 -30.33 26.51
C ASP C 101 23.64 -29.80 27.95
N ASP C 102 24.62 -30.20 28.78
CA ASP C 102 24.82 -29.87 30.19
C ASP C 102 24.15 -28.56 30.71
N ALA C 103 24.21 -27.45 29.97
CA ALA C 103 23.61 -26.18 30.42
C ALA C 103 22.06 -26.23 30.50
N ALA C 104 21.42 -27.19 29.81
CA ALA C 104 19.97 -27.32 29.70
C ALA C 104 19.20 -27.68 30.98
N LYS C 105 18.91 -26.64 31.75
CA LYS C 105 18.07 -26.72 32.94
C LYS C 105 16.61 -27.11 32.60
N PHE C 106 16.07 -26.63 31.46
CA PHE C 106 14.69 -26.90 31.00
C PHE C 106 14.60 -27.28 29.51
N THR C 107 13.49 -27.92 29.12
CA THR C 107 13.12 -28.27 27.76
C THR C 107 11.72 -27.71 27.49
N GLY C 108 11.62 -26.95 26.41
CA GLY C 108 10.41 -26.29 25.96
C GLY C 108 9.87 -26.97 24.73
N VAL C 109 8.59 -27.28 24.73
CA VAL C 109 7.94 -27.93 23.60
C VAL C 109 6.81 -27.03 23.19
N ALA C 110 6.89 -26.45 21.98
CA ALA C 110 5.85 -25.54 21.51
C ALA C 110 5.41 -25.94 20.13
N ALA C 111 4.08 -26.01 19.94
CA ALA C 111 3.46 -26.36 18.68
C ALA C 111 2.94 -25.12 17.92
N MET C 112 3.33 -25.02 16.64
CA MET C 112 2.96 -23.95 15.71
C MET C 112 1.55 -24.17 15.17
N PHE C 113 0.55 -24.18 16.09
CA PHE C 113 -0.87 -24.39 15.77
C PHE C 113 -1.51 -23.26 14.93
N LEU C 114 -2.50 -23.64 14.12
CA LEU C 114 -3.28 -22.71 13.30
C LEU C 114 -4.06 -21.72 14.18
N GLU C 115 -4.85 -22.23 15.15
CA GLU C 115 -5.62 -21.43 16.10
C GLU C 115 -5.30 -21.93 17.51
N PRO C 116 -4.18 -21.48 18.12
CA PRO C 116 -3.85 -21.93 19.47
C PRO C 116 -4.66 -21.16 20.53
N ASP C 117 -4.80 -21.71 21.73
CA ASP C 117 -5.53 -21.04 22.80
C ASP C 117 -4.49 -20.21 23.55
N GLN C 118 -4.40 -18.91 23.27
CA GLN C 118 -3.38 -18.08 23.90
C GLN C 118 -3.74 -17.66 25.34
N LYS C 119 -5.04 -17.56 25.70
CA LYS C 119 -5.44 -17.22 27.07
C LYS C 119 -5.10 -18.38 28.03
N LYS C 120 -5.40 -19.62 27.62
CA LYS C 120 -5.13 -20.80 28.42
C LYS C 120 -3.65 -21.17 28.45
N ASN C 121 -2.96 -21.00 27.30
CA ASN C 121 -1.54 -21.31 27.04
C ASN C 121 -1.30 -22.84 26.88
N THR C 122 -2.33 -23.55 26.36
CA THR C 122 -2.34 -25.00 26.16
C THR C 122 -1.59 -25.45 24.88
N TRP C 123 -0.90 -24.54 24.17
CA TRP C 123 -0.17 -24.82 22.94
C TRP C 123 1.30 -25.14 23.17
N ARG C 124 1.74 -25.11 24.44
CA ARG C 124 3.11 -25.38 24.82
C ARG C 124 3.23 -25.99 26.22
N VAL C 125 4.41 -26.59 26.50
CA VAL C 125 4.75 -27.19 27.77
C VAL C 125 6.23 -26.93 28.06
N VAL C 126 6.57 -26.90 29.37
CA VAL C 126 7.94 -26.75 29.85
C VAL C 126 8.18 -27.92 30.81
N LEU C 127 9.40 -28.47 30.75
CA LEU C 127 9.80 -29.57 31.61
C LEU C 127 11.20 -29.25 32.05
N GLY C 128 11.43 -29.40 33.37
CA GLY C 128 12.74 -29.27 33.97
C GLY C 128 13.45 -30.60 33.81
N ARG C 129 14.80 -30.57 33.92
CA ARG C 129 15.68 -31.74 33.79
C ARG C 129 15.19 -32.88 34.71
N ASP C 130 14.73 -32.52 35.92
CA ASP C 130 14.20 -33.48 36.89
C ASP C 130 13.02 -34.28 36.32
N GLU C 131 12.21 -33.67 35.41
CA GLU C 131 11.06 -34.32 34.78
C GLU C 131 11.47 -35.36 33.70
N LEU C 132 12.75 -35.40 33.36
CA LEU C 132 13.30 -36.25 32.31
C LEU C 132 13.81 -37.61 32.78
N GLU C 133 13.47 -38.68 32.04
CA GLU C 133 13.98 -40.03 32.29
C GLU C 133 15.23 -40.28 31.42
N PRO C 134 16.24 -41.06 31.90
CA PRO C 134 17.47 -41.24 31.10
C PRO C 134 17.35 -42.10 29.83
N ASP C 135 16.60 -43.22 29.86
CA ASP C 135 16.42 -44.12 28.71
C ASP C 135 15.03 -44.11 28.11
N THR C 136 14.05 -43.62 28.87
CA THR C 136 12.63 -43.63 28.56
C THR C 136 12.09 -42.24 28.07
N PRO C 137 11.28 -42.20 26.99
CA PRO C 137 10.77 -40.90 26.54
C PRO C 137 9.54 -40.41 27.29
N ARG C 138 9.43 -39.08 27.49
CA ARG C 138 8.23 -38.49 28.07
C ARG C 138 7.21 -38.33 26.97
N LEU C 139 5.94 -38.59 27.27
CA LEU C 139 4.88 -38.59 26.27
C LEU C 139 4.20 -37.26 26.17
N ILE C 140 4.32 -36.61 25.01
CA ILE C 140 3.62 -35.35 24.76
C ILE C 140 2.52 -35.68 23.77
N GLU C 141 1.28 -35.41 24.15
CA GLU C 141 0.12 -35.72 23.35
C GLU C 141 -0.46 -34.46 22.74
N VAL C 142 -0.63 -34.48 21.42
CA VAL C 142 -1.24 -33.39 20.65
C VAL C 142 -2.65 -33.85 20.34
N SER C 143 -3.62 -33.02 20.71
CA SER C 143 -5.04 -33.28 20.46
C SER C 143 -5.65 -31.94 20.20
N GLY C 144 -6.30 -31.79 19.04
CA GLY C 144 -6.91 -30.53 18.63
C GLY C 144 -5.88 -29.42 18.53
N ASN C 145 -6.02 -28.40 19.36
CA ASN C 145 -5.09 -27.27 19.39
C ASN C 145 -4.30 -27.20 20.69
N THR C 146 -4.01 -28.37 21.30
CA THR C 146 -3.28 -28.43 22.57
C THR C 146 -2.12 -29.42 22.60
N LEU C 147 -1.12 -29.17 23.46
CA LEU C 147 -0.02 -30.08 23.82
C LEU C 147 -0.19 -30.38 25.31
N THR C 148 -0.29 -31.66 25.64
CA THR C 148 -0.45 -32.16 27.00
C THR C 148 0.73 -33.07 27.32
N LEU C 149 1.37 -32.85 28.45
CA LEU C 149 2.46 -33.71 28.87
C LEU C 149 1.84 -34.81 29.73
N LEU C 150 1.84 -36.04 29.20
CA LEU C 150 1.27 -37.20 29.85
C LEU C 150 2.09 -37.57 31.08
N PRO C 151 1.41 -37.56 32.26
CA PRO C 151 2.10 -37.85 33.53
C PRO C 151 2.84 -39.20 33.59
N VAL C 152 4.08 -39.17 34.10
CA VAL C 152 4.95 -40.34 34.23
C VAL C 152 4.39 -41.36 35.24
N THR D 25 -37.35 33.72 -7.87
CA THR D 25 -36.01 33.68 -7.28
C THR D 25 -36.05 32.94 -5.94
N LEU D 26 -34.92 32.30 -5.56
CA LEU D 26 -34.76 31.56 -4.31
C LEU D 26 -34.02 32.41 -3.26
N HIS D 27 -34.77 32.82 -2.23
CA HIS D 27 -34.23 33.67 -1.18
C HIS D 27 -33.93 32.84 0.03
N LEU D 28 -32.64 32.79 0.40
CA LEU D 28 -32.17 32.09 1.59
C LEU D 28 -31.11 32.93 2.27
N ASP D 29 -31.07 32.91 3.61
CA ASP D 29 -30.01 33.53 4.41
C ASP D 29 -29.48 32.45 5.35
N ILE D 30 -28.15 32.27 5.37
CA ILE D 30 -27.53 31.22 6.19
C ILE D 30 -26.64 31.91 7.21
N ARG D 31 -27.12 31.98 8.46
CA ARG D 31 -26.40 32.64 9.54
C ARG D 31 -25.79 31.61 10.45
N ALA D 32 -24.53 31.83 10.81
CA ALA D 32 -23.77 30.94 11.67
C ALA D 32 -23.52 31.54 13.06
N ARG D 33 -23.65 30.74 14.10
CA ARG D 33 -23.38 31.16 15.48
C ARG D 33 -21.85 31.15 15.69
N GLU D 34 -21.36 31.72 16.80
CA GLU D 34 -19.92 31.73 17.11
C GLU D 34 -19.35 30.31 17.12
N ALA D 35 -20.01 29.37 17.82
CA ALA D 35 -19.59 27.95 17.87
C ALA D 35 -20.32 27.10 16.85
N ILE D 36 -19.65 26.87 15.70
CA ILE D 36 -20.16 26.02 14.61
C ILE D 36 -19.05 25.07 14.16
N ASN D 37 -19.43 23.89 13.60
CA ASN D 37 -18.54 22.86 13.06
C ASN D 37 -17.28 22.62 13.91
N THR D 38 -17.50 22.59 15.23
CA THR D 38 -16.46 22.46 16.24
C THR D 38 -15.66 21.18 16.15
N SER D 39 -14.34 21.31 16.37
CA SER D 39 -13.41 20.16 16.41
C SER D 39 -13.58 19.43 17.76
N ALA D 40 -12.82 18.35 17.97
CA ALA D 40 -12.84 17.59 19.23
C ALA D 40 -12.51 18.50 20.42
N ALA D 41 -11.54 19.40 20.24
CA ALA D 41 -11.10 20.38 21.23
C ALA D 41 -12.09 21.52 21.46
N GLY D 42 -13.24 21.48 20.78
CA GLY D 42 -14.28 22.50 20.91
C GLY D 42 -13.99 23.78 20.15
N ILE D 43 -12.97 23.72 19.26
CA ILE D 43 -12.55 24.83 18.40
C ILE D 43 -13.54 25.04 17.23
N PRO D 44 -14.13 26.26 17.06
CA PRO D 44 -15.05 26.50 15.93
C PRO D 44 -14.35 26.60 14.58
N LEU D 45 -14.92 25.95 13.57
CA LEU D 45 -14.37 25.92 12.21
C LEU D 45 -15.41 26.34 11.18
N SER D 46 -14.96 26.83 10.03
CA SER D 46 -15.84 27.18 8.93
C SER D 46 -16.47 25.90 8.34
N VAL D 47 -17.60 26.05 7.63
CA VAL D 47 -18.29 24.95 6.97
C VAL D 47 -18.82 25.37 5.59
N VAL D 48 -18.72 24.45 4.60
CA VAL D 48 -19.28 24.66 3.28
C VAL D 48 -20.74 24.14 3.34
N VAL D 49 -21.66 24.97 2.86
CA VAL D 49 -23.08 24.65 2.79
C VAL D 49 -23.40 24.54 1.32
N ARG D 50 -24.05 23.46 0.96
CA ARG D 50 -24.47 23.22 -0.41
C ARG D 50 -25.99 23.37 -0.53
N ILE D 51 -26.42 24.13 -1.55
CA ILE D 51 -27.83 24.37 -1.88
C ILE D 51 -28.17 23.62 -3.18
N TYR D 52 -29.23 22.82 -3.13
CA TYR D 52 -29.67 21.94 -4.20
C TYR D 52 -31.03 22.37 -4.70
N GLN D 53 -31.19 22.36 -6.01
CA GLN D 53 -32.47 22.60 -6.66
C GLN D 53 -32.92 21.25 -7.20
N LEU D 54 -33.82 20.62 -6.46
CA LEU D 54 -34.26 19.28 -6.74
C LEU D 54 -35.59 19.17 -7.47
N LYS D 55 -35.69 18.12 -8.29
CA LYS D 55 -36.89 17.73 -9.03
C LYS D 55 -37.85 17.01 -8.08
N ASP D 56 -37.30 16.27 -7.08
CA ASP D 56 -38.04 15.55 -6.02
C ASP D 56 -37.14 15.32 -4.79
N ASN D 57 -37.74 15.11 -3.60
CA ASN D 57 -36.97 14.96 -2.34
C ASN D 57 -36.62 13.53 -1.86
N ARG D 58 -37.00 12.50 -2.64
CA ARG D 58 -36.78 11.08 -2.29
C ARG D 58 -35.29 10.66 -2.36
N SER D 59 -34.61 10.89 -3.52
CA SER D 59 -33.19 10.55 -3.74
C SER D 59 -32.28 11.23 -2.71
N PHE D 60 -32.45 12.56 -2.53
CA PHE D 60 -31.72 13.40 -1.57
C PHE D 60 -31.85 12.84 -0.17
N ASP D 61 -33.11 12.63 0.28
CA ASP D 61 -33.38 12.13 1.61
C ASP D 61 -32.83 10.74 1.86
N SER D 62 -32.99 9.84 0.88
CA SER D 62 -32.49 8.47 1.00
C SER D 62 -30.96 8.41 1.08
N ALA D 63 -30.25 9.33 0.40
CA ALA D 63 -28.79 9.39 0.37
C ALA D 63 -28.17 9.89 1.66
N ASP D 64 -27.12 9.18 2.11
CA ASP D 64 -26.35 9.53 3.30
C ASP D 64 -25.28 10.57 2.96
N TYR D 65 -24.64 11.16 3.99
CA TYR D 65 -23.58 12.17 3.89
C TYR D 65 -22.55 11.81 2.80
N GLN D 66 -21.93 10.63 2.95
CA GLN D 66 -20.92 10.07 2.05
C GLN D 66 -21.42 10.04 0.61
N ALA D 67 -22.63 9.51 0.36
CA ALA D 67 -23.17 9.43 -0.99
C ALA D 67 -23.39 10.82 -1.60
N LEU D 68 -23.97 11.74 -0.81
CA LEU D 68 -24.28 13.09 -1.25
C LEU D 68 -23.04 13.89 -1.57
N PHE D 69 -22.06 13.81 -0.70
CA PHE D 69 -20.93 14.65 -0.91
C PHE D 69 -19.86 14.02 -1.79
N THR D 70 -19.62 12.71 -1.63
CA THR D 70 -18.54 12.03 -2.36
C THR D 70 -18.94 11.05 -3.46
N GLY D 71 -20.14 10.48 -3.38
CA GLY D 71 -20.60 9.48 -4.34
C GLY D 71 -21.22 10.05 -5.60
N ASP D 72 -21.49 9.17 -6.59
CA ASP D 72 -22.10 9.55 -7.86
C ASP D 72 -23.31 8.66 -8.17
N ASN D 73 -24.52 9.12 -7.80
CA ASN D 73 -25.76 8.40 -8.08
C ASN D 73 -26.48 9.17 -9.17
N GLU D 74 -26.92 8.44 -10.20
CA GLU D 74 -27.55 8.93 -11.43
C GLU D 74 -28.91 9.62 -11.29
N ILE D 75 -29.70 9.27 -10.24
CA ILE D 75 -31.05 9.78 -9.96
C ILE D 75 -30.94 10.90 -8.94
N LEU D 76 -29.86 10.85 -8.15
CA LEU D 76 -29.50 11.89 -7.21
C LEU D 76 -29.06 13.00 -8.14
N ALA D 77 -28.23 12.69 -9.17
CA ALA D 77 -27.83 13.68 -10.18
C ALA D 77 -29.03 14.08 -11.06
N GLY D 78 -29.84 13.09 -11.48
CA GLY D 78 -31.04 13.34 -12.29
C GLY D 78 -31.96 14.34 -11.62
N ASP D 79 -32.13 14.18 -10.29
CA ASP D 79 -32.95 15.07 -9.46
C ASP D 79 -32.40 16.49 -9.38
N ILE D 80 -31.06 16.65 -9.45
CA ILE D 80 -30.42 17.93 -9.31
C ILE D 80 -30.43 18.72 -10.62
N ILE D 81 -31.07 19.87 -10.53
CA ILE D 81 -31.23 20.85 -11.60
C ILE D 81 -30.05 21.82 -11.55
N ALA D 82 -29.83 22.46 -10.37
CA ALA D 82 -28.77 23.42 -10.08
C ALA D 82 -28.15 23.11 -8.72
N GLN D 83 -26.91 23.54 -8.53
CA GLN D 83 -26.14 23.34 -7.31
C GLN D 83 -25.37 24.63 -7.02
N LYS D 84 -25.30 25.00 -5.73
CA LYS D 84 -24.63 26.21 -5.26
C LYS D 84 -23.89 25.87 -3.97
N ASP D 85 -22.65 26.35 -3.84
CA ASP D 85 -21.84 26.18 -2.63
C ASP D 85 -21.57 27.53 -2.00
N VAL D 86 -21.85 27.66 -0.71
CA VAL D 86 -21.60 28.89 0.02
C VAL D 86 -20.63 28.58 1.15
N TRP D 87 -19.74 29.51 1.43
CA TRP D 87 -18.72 29.41 2.47
C TRP D 87 -19.21 30.04 3.77
N LEU D 88 -19.22 29.30 4.86
CA LEU D 88 -19.71 29.83 6.11
C LEU D 88 -18.69 29.84 7.18
N GLN D 89 -18.21 31.02 7.52
CA GLN D 89 -17.21 31.19 8.55
C GLN D 89 -17.89 31.29 9.94
N PRO D 90 -17.23 30.88 11.06
CA PRO D 90 -17.89 31.03 12.38
C PRO D 90 -18.31 32.46 12.74
N GLY D 91 -19.55 32.61 13.18
CA GLY D 91 -20.14 33.91 13.49
C GLY D 91 -20.47 34.72 12.27
N GLY D 92 -20.50 34.09 11.09
CA GLY D 92 -20.77 34.74 9.82
C GLY D 92 -22.16 34.60 9.23
N SER D 93 -22.33 35.13 8.01
CA SER D 93 -23.60 35.12 7.28
C SER D 93 -23.37 35.22 5.79
N VAL D 94 -24.27 34.60 5.00
CA VAL D 94 -24.25 34.59 3.53
C VAL D 94 -25.69 34.60 3.06
N ALA D 95 -25.98 35.37 2.00
CA ALA D 95 -27.29 35.47 1.37
C ALA D 95 -27.30 34.80 0.00
N VAL D 96 -28.25 33.90 -0.20
CA VAL D 96 -28.44 33.17 -1.44
C VAL D 96 -29.62 33.77 -2.18
N ASP D 97 -29.37 34.28 -3.38
CA ASP D 97 -30.40 34.80 -4.27
C ASP D 97 -30.06 34.18 -5.60
N MET D 98 -30.80 33.13 -6.01
CA MET D 98 -30.56 32.41 -7.26
C MET D 98 -31.89 32.07 -8.00
N PRO D 99 -31.92 32.04 -9.35
CA PRO D 99 -33.18 31.77 -10.06
C PRO D 99 -33.77 30.37 -9.91
N LEU D 100 -35.08 30.29 -9.57
CA LEU D 100 -35.79 29.03 -9.47
C LEU D 100 -35.97 28.51 -10.90
N ASP D 101 -35.83 27.20 -11.13
CA ASP D 101 -36.01 26.61 -12.46
C ASP D 101 -37.46 26.12 -12.70
N ALA D 104 -38.30 22.13 -10.25
CA ALA D 104 -37.75 22.84 -9.09
C ALA D 104 -38.70 22.77 -7.90
N LYS D 105 -39.29 21.58 -7.68
CA LYS D 105 -40.27 21.29 -6.65
C LYS D 105 -39.74 21.47 -5.20
N PHE D 106 -38.47 21.10 -4.94
CA PHE D 106 -37.84 21.23 -3.61
C PHE D 106 -36.44 21.87 -3.64
N THR D 107 -35.99 22.37 -2.48
CA THR D 107 -34.66 22.93 -2.26
C THR D 107 -34.05 22.20 -1.07
N GLY D 108 -32.86 21.68 -1.30
CA GLY D 108 -32.07 20.94 -0.33
C GLY D 108 -30.92 21.80 0.16
N VAL D 109 -30.74 21.83 1.46
CA VAL D 109 -29.64 22.60 2.06
C VAL D 109 -28.88 21.60 2.90
N ALA D 110 -27.61 21.33 2.54
CA ALA D 110 -26.82 20.36 3.27
C ALA D 110 -25.46 20.96 3.60
N ALA D 111 -25.05 20.81 4.87
CA ALA D 111 -23.77 21.30 5.37
C ALA D 111 -22.72 20.18 5.49
N MET D 112 -21.53 20.43 4.93
CA MET D 112 -20.39 19.53 4.94
C MET D 112 -19.67 19.58 6.29
N PHE D 113 -20.36 19.18 7.37
CA PHE D 113 -19.82 19.17 8.74
C PHE D 113 -18.71 18.13 8.98
N LEU D 114 -17.84 18.44 9.94
CA LEU D 114 -16.74 17.59 10.37
C LEU D 114 -17.23 16.31 11.05
N GLU D 115 -18.16 16.46 12.02
CA GLU D 115 -18.74 15.40 12.87
C GLU D 115 -20.27 15.52 12.85
N PRO D 116 -20.97 15.23 11.74
CA PRO D 116 -22.41 15.38 11.76
C PRO D 116 -23.08 14.23 12.52
N ASP D 117 -24.25 14.50 13.11
CA ASP D 117 -25.01 13.44 13.79
C ASP D 117 -25.91 12.85 12.74
N GLN D 118 -25.42 11.78 12.11
CA GLN D 118 -26.09 11.04 11.06
C GLN D 118 -27.33 10.28 11.54
N LYS D 119 -27.43 9.94 12.85
CA LYS D 119 -28.61 9.27 13.40
C LYS D 119 -29.83 10.20 13.41
N LYS D 120 -29.63 11.43 13.85
CA LYS D 120 -30.71 12.42 13.91
C LYS D 120 -31.04 12.99 12.54
N ASN D 121 -30.00 13.20 11.69
CA ASN D 121 -30.02 13.77 10.33
C ASN D 121 -30.21 15.29 10.35
N THR D 122 -29.68 15.92 11.42
CA THR D 122 -29.75 17.35 11.70
C THR D 122 -28.74 18.20 10.92
N TRP D 123 -27.99 17.59 9.97
CA TRP D 123 -26.98 18.27 9.15
C TRP D 123 -27.52 18.81 7.82
N ARG D 124 -28.82 18.59 7.58
CA ARG D 124 -29.49 19.00 6.34
C ARG D 124 -30.97 19.32 6.57
N VAL D 125 -31.55 20.05 5.61
CA VAL D 125 -32.96 20.44 5.60
C VAL D 125 -33.48 20.40 4.16
N VAL D 126 -34.78 20.13 4.03
CA VAL D 126 -35.48 20.13 2.74
C VAL D 126 -36.66 21.08 2.87
N LEU D 127 -36.92 21.84 1.81
CA LEU D 127 -38.02 22.78 1.78
C LEU D 127 -38.66 22.64 0.42
N GLY D 128 -39.98 22.55 0.40
CA GLY D 128 -40.76 22.56 -0.83
C GLY D 128 -41.02 24.02 -1.17
N ARG D 129 -41.61 24.35 -2.30
CA ARG D 129 -41.90 25.78 -2.50
C ARG D 129 -43.25 26.13 -1.82
N ASP D 130 -43.33 25.91 -0.49
CA ASP D 130 -44.57 26.07 0.27
C ASP D 130 -44.61 27.28 1.24
N GLU D 131 -43.65 27.62 2.15
CA GLU D 131 -42.24 27.30 2.53
C GLU D 131 -41.30 28.34 1.93
N LEU D 132 -41.38 28.57 0.61
CA LEU D 132 -40.59 29.65 -0.01
C LEU D 132 -41.40 30.94 -0.18
N GLU D 133 -40.82 32.07 0.29
CA GLU D 133 -41.39 33.42 0.15
C GLU D 133 -40.85 34.05 -1.14
N PRO D 134 -41.65 34.88 -1.88
CA PRO D 134 -41.16 35.42 -3.16
C PRO D 134 -40.08 36.51 -3.08
N ASP D 135 -40.17 37.45 -2.12
CA ASP D 135 -39.22 38.56 -1.96
C ASP D 135 -38.36 38.46 -0.71
N THR D 136 -38.80 37.64 0.26
CA THR D 136 -38.20 37.49 1.58
C THR D 136 -37.34 36.19 1.73
N PRO D 137 -36.11 36.26 2.31
CA PRO D 137 -35.30 35.05 2.46
C PRO D 137 -35.63 34.24 3.71
N ARG D 138 -35.42 32.91 3.63
CA ARG D 138 -35.62 32.02 4.77
C ARG D 138 -34.35 31.93 5.56
N LEU D 139 -34.45 31.92 6.89
CA LEU D 139 -33.27 31.88 7.73
C LEU D 139 -32.89 30.45 8.10
N ILE D 140 -31.76 29.99 7.57
CA ILE D 140 -31.20 28.69 7.95
C ILE D 140 -30.08 29.01 8.89
N GLU D 141 -30.13 28.46 10.10
CA GLU D 141 -29.17 28.73 11.14
C GLU D 141 -28.26 27.53 11.35
N VAL D 142 -26.96 27.78 11.37
CA VAL D 142 -25.94 26.77 11.67
C VAL D 142 -25.52 26.96 13.11
N SER D 143 -25.70 25.94 13.96
CA SER D 143 -25.24 25.98 15.35
C SER D 143 -24.65 24.62 15.60
N GLY D 144 -23.40 24.60 16.02
CA GLY D 144 -22.63 23.39 16.27
C GLY D 144 -22.54 22.55 15.01
N ASN D 145 -23.09 21.34 15.06
CA ASN D 145 -23.11 20.44 13.91
C ASN D 145 -24.53 20.28 13.32
N THR D 146 -25.36 21.36 13.38
CA THR D 146 -26.74 21.29 12.88
C THR D 146 -27.17 22.43 11.92
N LEU D 147 -28.14 22.12 11.05
CA LEU D 147 -28.81 23.06 10.15
C LEU D 147 -30.27 23.12 10.61
N THR D 148 -30.70 24.29 11.09
CA THR D 148 -32.04 24.49 11.61
C THR D 148 -32.74 25.51 10.74
N LEU D 149 -34.00 25.24 10.39
CA LEU D 149 -34.83 26.18 9.63
C LEU D 149 -35.77 26.94 10.59
N LEU D 150 -35.51 28.25 10.73
CA LEU D 150 -36.27 29.13 11.61
C LEU D 150 -37.44 29.71 10.85
ZN ZN E . -15.49 19.91 -23.18
ZN ZN F . 2.21 0.49 -2.26
ZN ZN G . 12.83 3.31 8.93
ZN ZN H . 20.58 -46.34 30.51
#